data_5N78
#
_entry.id   5N78
#
_cell.length_a   73.721
_cell.length_b   117.316
_cell.length_c   91.858
_cell.angle_alpha   90.00
_cell.angle_beta   103.14
_cell.angle_gamma   90.00
#
_symmetry.space_group_name_H-M   'P 1 21 1'
#
loop_
_entity.id
_entity.type
_entity.pdbx_description
1 polymer 'Magnesium transport protein CorA'
2 non-polymer 'MAGNESIUM ION'
3 non-polymer 'COBALT HEXAMMINE(III)'
4 non-polymer 2-(2-METHOXYETHOXY)ETHANOL
5 water water
#
_entity_poly.entity_id   1
_entity_poly.type   'polypeptide(L)'
_entity_poly.pdbx_seq_one_letter_code
;MLSAFQLENNRLTRLEVEESQPLVNAVWIDLVEPDDDERLRVQSELGQSLATRPELEDIEASARFFEDDDGLHIHSFFFF
EDAEDHAGNSTVAFTIRDGRLFTLRERELPAFRLYRMRARSQSMVDGNAYELLLDLFETKIEQLADEIENIYSDLEQLSR
VIMEGHQGDEYDEALSTLAELEDIGWKVRLCLMDTQRALNFLVRKARLPGGQLEQAREILRDIESLLPHNESLFQKVNFL
MQAAMGFINIEQNRIIK
;
_entity_poly.pdbx_strand_id   A,B,C,D,E
#
# COMPACT_ATOMS: atom_id res chain seq x y z
N MET A 1 -16.69 -36.07 -22.27
CA MET A 1 -17.92 -36.15 -21.43
C MET A 1 -18.83 -34.99 -21.79
N LEU A 2 -19.93 -35.30 -22.46
CA LEU A 2 -20.87 -34.29 -22.88
C LEU A 2 -22.18 -34.47 -22.14
N SER A 3 -22.60 -33.42 -21.43
CA SER A 3 -23.92 -33.36 -20.83
C SER A 3 -24.61 -32.17 -21.42
N ALA A 4 -25.91 -32.24 -21.50
CA ALA A 4 -26.69 -31.18 -22.07
C ALA A 4 -27.94 -31.03 -21.24
N PHE A 5 -28.44 -29.80 -21.14
CA PHE A 5 -29.61 -29.48 -20.32
C PHE A 5 -30.56 -28.60 -21.08
N GLN A 6 -31.84 -28.74 -20.77
CA GLN A 6 -32.88 -27.93 -21.41
C GLN A 6 -33.82 -27.43 -20.35
N LEU A 7 -34.60 -26.41 -20.71
CA LEU A 7 -35.45 -25.74 -19.74
C LEU A 7 -36.91 -26.24 -19.80
N GLU A 8 -37.50 -26.50 -18.65
CA GLU A 8 -38.90 -26.93 -18.55
C GLU A 8 -39.57 -26.28 -17.34
N ASN A 9 -40.24 -25.15 -17.57
CA ASN A 9 -40.79 -24.29 -16.49
C ASN A 9 -39.69 -23.74 -15.61
N ASN A 10 -38.72 -23.10 -16.23
CA ASN A 10 -37.57 -22.60 -15.52
C ASN A 10 -36.88 -23.67 -14.65
N ARG A 11 -36.84 -24.92 -15.11
CA ARG A 11 -36.11 -25.98 -14.39
C ARG A 11 -35.16 -26.65 -15.35
N LEU A 12 -33.89 -26.74 -14.96
CA LEU A 12 -32.91 -27.38 -15.80
C LEU A 12 -33.11 -28.88 -15.74
N THR A 13 -33.36 -29.49 -16.89
CA THR A 13 -33.53 -30.95 -16.95
C THR A 13 -32.53 -31.58 -17.91
N ARG A 14 -31.88 -32.62 -17.40
CA ARG A 14 -30.82 -33.27 -18.10
C ARG A 14 -31.37 -33.96 -19.32
N LEU A 15 -30.94 -33.56 -20.52
CA LEU A 15 -31.47 -34.26 -21.71
C LEU A 15 -30.48 -35.35 -22.12
N GLU A 16 -30.75 -36.61 -21.78
CA GLU A 16 -30.07 -37.78 -22.43
C GLU A 16 -29.55 -37.54 -23.89
N VAL A 17 -28.26 -37.82 -24.09
CA VAL A 17 -27.55 -37.47 -25.34
C VAL A 17 -26.98 -38.63 -26.15
N GLU A 18 -26.57 -39.70 -25.48
CA GLU A 18 -26.17 -40.91 -26.17
C GLU A 18 -27.31 -41.42 -27.04
N GLU A 19 -28.52 -41.33 -26.53
CA GLU A 19 -29.74 -41.70 -27.28
C GLU A 19 -30.36 -40.51 -28.01
N SER A 20 -31.10 -39.66 -27.29
CA SER A 20 -31.79 -38.51 -27.91
C SER A 20 -30.77 -37.53 -28.48
N GLN A 21 -30.58 -37.60 -29.80
CA GLN A 21 -29.52 -36.84 -30.45
C GLN A 21 -29.75 -35.33 -30.52
N PRO A 22 -31.01 -34.87 -30.71
CA PRO A 22 -31.16 -33.43 -30.92
C PRO A 22 -30.63 -32.55 -29.78
N LEU A 23 -29.50 -31.90 -30.05
CA LEU A 23 -28.89 -30.97 -29.11
C LEU A 23 -29.47 -29.57 -29.22
N VAL A 24 -30.18 -29.30 -30.31
CA VAL A 24 -30.70 -27.96 -30.57
C VAL A 24 -31.64 -27.46 -29.46
N ASN A 25 -32.29 -28.40 -28.75
CA ASN A 25 -33.20 -28.03 -27.67
C ASN A 25 -32.49 -27.62 -26.36
N ALA A 26 -31.18 -27.74 -26.31
CA ALA A 26 -30.46 -27.47 -25.07
C ALA A 26 -30.20 -25.98 -24.88
N VAL A 27 -30.32 -25.53 -23.64
CA VAL A 27 -29.88 -24.20 -23.25
C VAL A 27 -28.41 -24.19 -22.77
N TRP A 28 -27.93 -25.33 -22.28
CA TRP A 28 -26.59 -25.43 -21.71
C TRP A 28 -25.92 -26.72 -22.15
N ILE A 29 -24.75 -26.57 -22.79
CA ILE A 29 -23.95 -27.72 -23.11
C ILE A 29 -22.69 -27.64 -22.27
N ASP A 30 -22.41 -28.72 -21.55
CA ASP A 30 -21.31 -28.76 -20.60
C ASP A 30 -20.32 -29.86 -21.00
N LEU A 31 -19.13 -29.48 -21.43
CA LEU A 31 -18.12 -30.48 -21.80
C LEU A 31 -17.01 -30.60 -20.77
N VAL A 32 -16.66 -31.84 -20.43
CA VAL A 32 -15.53 -32.14 -19.57
C VAL A 32 -14.55 -33.04 -20.31
N GLU A 33 -13.35 -32.54 -20.58
CA GLU A 33 -12.31 -33.30 -21.30
C GLU A 33 -12.85 -33.94 -22.56
N PRO A 34 -13.49 -33.15 -23.44
CA PRO A 34 -14.18 -33.74 -24.55
C PRO A 34 -13.25 -34.25 -25.66
N ASP A 35 -13.53 -35.46 -26.16
CA ASP A 35 -12.78 -36.03 -27.31
C ASP A 35 -13.21 -35.32 -28.59
N ASP A 36 -12.52 -35.60 -29.70
CA ASP A 36 -12.78 -34.87 -30.95
C ASP A 36 -14.10 -35.28 -31.56
N ASP A 37 -14.65 -36.41 -31.12
CA ASP A 37 -16.02 -36.76 -31.48
C ASP A 37 -17.05 -35.81 -30.87
N GLU A 38 -16.94 -35.53 -29.58
CA GLU A 38 -17.86 -34.59 -28.93
C GLU A 38 -17.70 -33.15 -29.42
N ARG A 39 -16.47 -32.75 -29.77
CA ARG A 39 -16.23 -31.41 -30.27
C ARG A 39 -16.87 -31.25 -31.63
N LEU A 40 -16.64 -32.23 -32.51
CA LEU A 40 -17.20 -32.23 -33.85
C LEU A 40 -18.73 -32.25 -33.84
N ARG A 41 -19.27 -32.95 -32.86
CA ARG A 41 -20.71 -33.03 -32.71
C ARG A 41 -21.28 -31.65 -32.43
N VAL A 42 -20.68 -30.94 -31.48
CA VAL A 42 -21.11 -29.60 -31.15
C VAL A 42 -20.90 -28.65 -32.32
N GLN A 43 -19.79 -28.85 -33.02
CA GLN A 43 -19.46 -28.07 -34.22
C GLN A 43 -20.51 -28.19 -35.30
N SER A 44 -20.98 -29.40 -35.57
CA SER A 44 -21.94 -29.59 -36.67
C SER A 44 -23.39 -29.33 -36.24
N GLU A 45 -23.81 -29.89 -35.10
CA GLU A 45 -25.19 -29.73 -34.63
C GLU A 45 -25.54 -28.30 -34.24
N LEU A 46 -24.62 -27.60 -33.58
CA LEU A 46 -24.75 -26.16 -33.33
C LEU A 46 -23.62 -25.49 -34.08
N GLY A 47 -23.50 -24.18 -34.02
CA GLY A 47 -22.49 -23.51 -34.85
C GLY A 47 -21.10 -23.48 -34.23
N GLN A 48 -20.88 -24.28 -33.18
CA GLN A 48 -19.95 -23.88 -32.11
C GLN A 48 -18.56 -24.48 -32.13
N SER A 49 -17.58 -23.63 -32.43
CA SER A 49 -16.19 -23.96 -32.18
C SER A 49 -15.90 -23.70 -30.73
N LEU A 50 -15.01 -24.50 -30.17
CA LEU A 50 -14.69 -24.42 -28.77
C LEU A 50 -13.22 -24.18 -28.59
N ALA A 51 -12.89 -23.47 -27.51
CA ALA A 51 -11.51 -23.13 -27.23
C ALA A 51 -10.65 -24.38 -27.10
N THR A 52 -9.41 -24.29 -27.57
CA THR A 52 -8.49 -25.41 -27.46
C THR A 52 -7.86 -25.42 -26.07
N ARG A 53 -7.20 -26.50 -25.75
CA ARG A 53 -6.53 -26.67 -24.47
C ARG A 53 -5.52 -25.56 -24.18
N PRO A 54 -4.63 -25.25 -25.13
CA PRO A 54 -3.64 -24.20 -24.83
C PRO A 54 -4.20 -22.78 -24.69
N GLU A 55 -5.38 -22.50 -25.25
CA GLU A 55 -5.97 -21.17 -25.16
C GLU A 55 -6.58 -20.91 -23.82
N LEU A 56 -6.84 -21.96 -23.06
CA LEU A 56 -7.34 -21.80 -21.70
C LEU A 56 -6.22 -21.50 -20.70
N GLU A 57 -4.98 -21.50 -21.17
CA GLU A 57 -3.81 -21.23 -20.35
C GLU A 57 -3.46 -19.75 -20.39
N ASP A 58 -4.01 -19.03 -21.35
CA ASP A 58 -3.67 -17.63 -21.55
C ASP A 58 -4.37 -16.80 -20.47
N ILE A 59 -3.63 -15.88 -19.88
CA ILE A 59 -4.07 -15.15 -18.68
C ILE A 59 -4.32 -13.66 -18.91
N GLU A 60 -3.79 -13.12 -19.99
CA GLU A 60 -4.11 -11.76 -20.36
C GLU A 60 -5.61 -11.56 -20.62
N ALA A 61 -6.08 -10.38 -20.25
CA ALA A 61 -7.48 -10.03 -20.39
C ALA A 61 -8.06 -10.31 -21.77
N SER A 62 -7.34 -9.87 -22.81
CA SER A 62 -7.88 -9.99 -24.17
C SER A 62 -8.03 -11.45 -24.59
N ALA A 63 -7.37 -12.35 -23.89
CA ALA A 63 -7.46 -13.78 -24.21
C ALA A 63 -8.56 -14.48 -23.43
N ARG A 64 -9.04 -13.84 -22.37
CA ARG A 64 -10.04 -14.40 -21.49
C ARG A 64 -11.45 -13.79 -21.61
N PHE A 65 -11.54 -12.48 -21.85
CA PHE A 65 -12.83 -11.77 -21.87
C PHE A 65 -12.95 -11.04 -23.17
N PHE A 66 -13.73 -11.59 -24.10
CA PHE A 66 -13.81 -11.08 -25.46
C PHE A 66 -15.05 -11.57 -26.20
N GLU A 67 -15.43 -10.84 -27.24
CA GLU A 67 -16.58 -11.14 -28.12
C GLU A 67 -16.10 -11.38 -29.53
N ASP A 68 -16.63 -12.37 -30.21
CA ASP A 68 -16.28 -12.57 -31.62
C ASP A 68 -17.41 -13.29 -32.35
N ASP A 69 -17.16 -13.74 -33.56
CA ASP A 69 -18.21 -14.43 -34.31
C ASP A 69 -18.72 -15.73 -33.64
N ASP A 70 -17.90 -16.35 -32.81
CA ASP A 70 -18.34 -17.51 -32.06
C ASP A 70 -19.07 -17.17 -30.76
N GLY A 71 -19.25 -15.89 -30.46
CA GLY A 71 -20.09 -15.47 -29.36
C GLY A 71 -19.37 -14.65 -28.31
N LEU A 72 -19.93 -14.67 -27.11
CA LEU A 72 -19.32 -13.99 -25.96
C LEU A 72 -18.54 -14.98 -25.07
N HIS A 73 -17.26 -14.71 -24.84
CA HIS A 73 -16.41 -15.60 -24.12
C HIS A 73 -15.97 -15.05 -22.77
N ILE A 74 -16.04 -15.88 -21.74
CA ILE A 74 -15.49 -15.59 -20.44
C ILE A 74 -14.71 -16.79 -19.98
N HIS A 75 -13.40 -16.65 -19.82
CA HIS A 75 -12.59 -17.73 -19.20
C HIS A 75 -12.32 -17.37 -17.74
N SER A 76 -12.72 -18.23 -16.82
CA SER A 76 -12.61 -17.90 -15.41
C SER A 76 -11.99 -19.05 -14.62
N PHE A 77 -11.10 -18.72 -13.68
CA PHE A 77 -10.53 -19.71 -12.78
C PHE A 77 -11.62 -20.22 -11.85
N PHE A 78 -11.60 -21.53 -11.63
CA PHE A 78 -12.44 -22.18 -10.64
C PHE A 78 -11.54 -22.97 -9.69
N PHE A 79 -11.91 -22.99 -8.43
CA PHE A 79 -11.06 -23.54 -7.39
C PHE A 79 -11.32 -25.04 -7.19
N PHE A 80 -10.27 -25.82 -6.89
CA PHE A 80 -10.47 -27.25 -6.63
C PHE A 80 -9.27 -27.83 -5.88
N GLU A 81 -9.41 -29.08 -5.44
CA GLU A 81 -8.35 -29.78 -4.72
C GLU A 81 -8.05 -31.04 -5.45
N ASP A 82 -6.79 -31.25 -5.81
CA ASP A 82 -6.43 -32.43 -6.60
C ASP A 82 -6.42 -33.67 -5.72
N ALA A 83 -6.06 -34.79 -6.29
CA ALA A 83 -6.11 -36.06 -5.56
C ALA A 83 -5.30 -36.10 -4.25
N GLU A 84 -4.20 -35.34 -4.20
CA GLU A 84 -3.34 -35.30 -3.01
C GLU A 84 -3.58 -34.06 -2.11
N ASP A 85 -4.82 -33.54 -2.15
CA ASP A 85 -5.24 -32.44 -1.31
C ASP A 85 -4.42 -31.17 -1.53
N HIS A 86 -4.03 -30.90 -2.78
CA HIS A 86 -3.35 -29.65 -3.12
C HIS A 86 -4.29 -28.72 -3.89
N ALA A 87 -4.43 -27.50 -3.42
CA ALA A 87 -5.32 -26.54 -4.05
C ALA A 87 -4.86 -26.18 -5.45
N GLY A 88 -5.82 -25.83 -6.27
CA GLY A 88 -5.53 -25.37 -7.61
C GLY A 88 -6.66 -24.54 -8.16
N ASN A 89 -6.36 -23.88 -9.28
CA ASN A 89 -7.35 -23.15 -10.05
C ASN A 89 -7.42 -23.71 -11.46
N SER A 90 -8.59 -24.17 -11.90
CA SER A 90 -8.75 -24.69 -13.26
C SER A 90 -9.57 -23.72 -14.07
N THR A 91 -9.08 -23.36 -15.24
CA THR A 91 -9.80 -22.42 -16.10
C THR A 91 -10.96 -23.10 -16.83
N VAL A 92 -12.07 -22.40 -16.87
CA VAL A 92 -13.29 -22.88 -17.50
C VAL A 92 -13.65 -21.85 -18.53
N ALA A 93 -13.95 -22.31 -19.73
CA ALA A 93 -14.31 -21.39 -20.79
C ALA A 93 -15.82 -21.36 -20.93
N PHE A 94 -16.41 -20.21 -20.65
CA PHE A 94 -17.84 -19.97 -20.84
C PHE A 94 -18.04 -19.29 -22.15
N THR A 95 -18.97 -19.80 -22.94
CA THR A 95 -19.35 -19.13 -24.17
C THR A 95 -20.86 -19.02 -24.27
N ILE A 96 -21.34 -17.84 -24.61
CA ILE A 96 -22.76 -17.66 -24.85
C ILE A 96 -22.99 -17.22 -26.28
N ARG A 97 -23.90 -17.91 -26.94
CA ARG A 97 -24.25 -17.63 -28.33
C ARG A 97 -25.65 -18.13 -28.64
N ASP A 98 -26.45 -17.25 -29.24
CA ASP A 98 -27.83 -17.57 -29.59
C ASP A 98 -28.56 -18.15 -28.39
N GLY A 99 -28.47 -17.48 -27.24
CA GLY A 99 -29.21 -17.89 -26.06
C GLY A 99 -28.82 -19.22 -25.42
N ARG A 100 -27.72 -19.81 -25.89
CA ARG A 100 -27.18 -21.04 -25.30
C ARG A 100 -25.83 -20.84 -24.63
N LEU A 101 -25.62 -21.52 -23.52
CA LEU A 101 -24.37 -21.47 -22.77
C LEU A 101 -23.56 -22.71 -23.06
N PHE A 102 -22.28 -22.53 -23.38
CA PHE A 102 -21.35 -23.66 -23.49
C PHE A 102 -20.28 -23.54 -22.41
N THR A 103 -20.08 -24.60 -21.63
CA THR A 103 -18.98 -24.64 -20.68
C THR A 103 -18.03 -25.73 -21.07
N LEU A 104 -16.76 -25.37 -21.15
CA LEU A 104 -15.73 -26.32 -21.49
C LEU A 104 -14.71 -26.33 -20.36
N ARG A 105 -14.46 -27.52 -19.80
CA ARG A 105 -13.52 -27.64 -18.70
C ARG A 105 -12.67 -28.90 -18.73
N GLU A 106 -11.51 -28.81 -18.09
CA GLU A 106 -10.53 -29.91 -18.05
C GLU A 106 -10.89 -30.99 -17.07
N ARG A 107 -11.79 -30.73 -16.13
CA ARG A 107 -11.98 -31.63 -14.99
C ARG A 107 -13.23 -31.36 -14.27
N GLU A 108 -13.60 -32.31 -13.41
CA GLU A 108 -14.76 -32.14 -12.54
C GLU A 108 -14.44 -31.03 -11.57
N LEU A 109 -15.47 -30.31 -11.15
CA LEU A 109 -15.29 -29.17 -10.27
C LEU A 109 -16.40 -29.10 -9.25
N PRO A 110 -16.07 -28.68 -8.04
CA PRO A 110 -17.10 -28.77 -7.02
C PRO A 110 -18.25 -27.79 -7.21
N ALA A 111 -17.98 -26.61 -7.77
CA ALA A 111 -19.08 -25.69 -8.06
C ALA A 111 -20.06 -26.27 -9.05
N PHE A 112 -19.55 -26.92 -10.08
CA PHE A 112 -20.43 -27.50 -11.09
C PHE A 112 -21.23 -28.68 -10.57
N ARG A 113 -20.57 -29.55 -9.83
CA ARG A 113 -21.20 -30.69 -9.21
C ARG A 113 -22.31 -30.21 -8.26
N LEU A 114 -22.04 -29.15 -7.51
CA LEU A 114 -23.01 -28.58 -6.62
C LEU A 114 -24.16 -27.93 -7.36
N TYR A 115 -23.86 -27.12 -8.35
CA TYR A 115 -24.95 -26.45 -9.07
C TYR A 115 -25.89 -27.47 -9.66
N ARG A 116 -25.34 -28.54 -10.22
CA ARG A 116 -26.11 -29.56 -10.88
C ARG A 116 -27.01 -30.33 -9.94
N MET A 117 -26.49 -30.67 -8.77
CA MET A 117 -27.32 -31.28 -7.75
C MET A 117 -28.56 -30.43 -7.46
N ARG A 118 -28.33 -29.15 -7.21
CA ARG A 118 -29.40 -28.22 -6.88
C ARG A 118 -30.35 -27.98 -8.03
N ALA A 119 -29.79 -27.95 -9.23
CA ALA A 119 -30.55 -27.65 -10.44
C ALA A 119 -31.65 -28.66 -10.68
N ARG A 120 -31.43 -29.89 -10.23
CA ARG A 120 -32.46 -30.94 -10.27
C ARG A 120 -33.78 -30.61 -9.56
N SER A 121 -33.78 -29.73 -8.56
CA SER A 121 -34.98 -29.48 -7.78
C SER A 121 -35.05 -28.02 -7.36
N GLN A 122 -34.99 -27.11 -8.34
CA GLN A 122 -34.94 -25.69 -8.06
C GLN A 122 -35.18 -24.90 -9.33
N SER A 123 -36.13 -23.98 -9.28
CA SER A 123 -36.50 -23.19 -10.44
C SER A 123 -35.56 -22.01 -10.64
N MET A 124 -35.27 -21.71 -11.88
CA MET A 124 -34.62 -20.45 -12.25
C MET A 124 -35.69 -19.36 -12.29
N VAL A 125 -35.25 -18.11 -12.44
CA VAL A 125 -36.16 -16.97 -12.47
C VAL A 125 -36.54 -16.62 -13.93
N ASP A 126 -35.62 -15.96 -14.65
CA ASP A 126 -35.84 -15.54 -16.06
C ASP A 126 -35.57 -16.70 -17.02
N GLY A 127 -34.69 -17.62 -16.63
CA GLY A 127 -34.46 -18.85 -17.36
C GLY A 127 -33.66 -18.67 -18.64
N ASN A 128 -32.41 -18.26 -18.53
CA ASN A 128 -31.58 -18.02 -19.70
C ASN A 128 -30.09 -18.20 -19.43
N ALA A 129 -29.32 -18.29 -20.53
CA ALA A 129 -27.89 -18.50 -20.50
C ALA A 129 -27.15 -17.57 -19.56
N TYR A 130 -27.54 -16.30 -19.51
CA TYR A 130 -26.86 -15.34 -18.68
C TYR A 130 -27.17 -15.61 -17.20
N GLU A 131 -28.41 -15.89 -16.86
CA GLU A 131 -28.74 -16.23 -15.48
C GLU A 131 -27.91 -17.44 -15.05
N LEU A 132 -27.78 -18.38 -15.96
CA LEU A 132 -27.17 -19.65 -15.69
C LEU A 132 -25.70 -19.47 -15.40
N LEU A 133 -25.04 -18.65 -16.22
CA LEU A 133 -23.64 -18.31 -16.02
C LEU A 133 -23.44 -17.63 -14.66
N LEU A 134 -24.31 -16.69 -14.33
CA LEU A 134 -24.19 -16.02 -13.04
C LEU A 134 -24.50 -16.96 -11.87
N ASP A 135 -25.38 -17.95 -12.07
CA ASP A 135 -25.65 -18.93 -11.04
C ASP A 135 -24.41 -19.76 -10.73
N LEU A 136 -23.69 -20.15 -11.76
CA LEU A 136 -22.45 -20.87 -11.56
C LEU A 136 -21.41 -20.01 -10.81
N PHE A 137 -21.38 -18.71 -11.11
CA PHE A 137 -20.50 -17.79 -10.36
C PHE A 137 -20.94 -17.60 -8.91
N GLU A 138 -22.23 -17.42 -8.67
CA GLU A 138 -22.77 -17.35 -7.32
C GLU A 138 -22.28 -18.54 -6.51
N THR A 139 -22.37 -19.72 -7.11
CA THR A 139 -21.97 -20.97 -6.45
C THR A 139 -20.49 -20.98 -6.17
N LYS A 140 -19.69 -20.60 -7.16
CA LYS A 140 -18.26 -20.45 -6.99
C LYS A 140 -17.94 -19.56 -5.82
N ILE A 141 -18.56 -18.38 -5.74
CA ILE A 141 -18.29 -17.48 -4.62
C ILE A 141 -18.69 -18.11 -3.27
N GLU A 142 -19.84 -18.77 -3.21
CA GLU A 142 -20.27 -19.43 -1.99
C GLU A 142 -19.21 -20.40 -1.46
N GLN A 143 -18.48 -21.03 -2.39
CA GLN A 143 -17.50 -22.04 -2.02
C GLN A 143 -16.20 -21.40 -1.64
N LEU A 144 -15.78 -20.36 -2.35
CA LEU A 144 -14.61 -19.59 -1.90
C LEU A 144 -14.78 -19.01 -0.49
N ALA A 145 -16.00 -18.64 -0.15
CA ALA A 145 -16.26 -18.11 1.17
C ALA A 145 -16.15 -19.20 2.23
N ASP A 146 -16.58 -20.40 1.88
CA ASP A 146 -16.39 -21.56 2.73
C ASP A 146 -14.89 -21.87 2.95
N GLU A 147 -14.08 -21.83 1.87
CA GLU A 147 -12.65 -22.00 1.98
C GLU A 147 -12.06 -21.04 2.97
N ILE A 148 -12.46 -19.78 2.88
CA ILE A 148 -11.86 -18.75 3.70
C ILE A 148 -12.27 -19.01 5.12
N GLU A 149 -13.55 -19.28 5.32
CA GLU A 149 -14.06 -19.63 6.63
C GLU A 149 -13.23 -20.74 7.25
N ASN A 150 -12.79 -21.68 6.44
CA ASN A 150 -12.00 -22.78 6.94
C ASN A 150 -10.55 -22.46 7.20
N ILE A 151 -9.97 -21.60 6.38
CA ILE A 151 -8.64 -21.16 6.68
C ILE A 151 -8.67 -20.49 8.07
N TYR A 152 -9.71 -19.74 8.38
CA TYR A 152 -9.76 -19.11 9.69
C TYR A 152 -9.69 -20.10 10.81
N SER A 153 -10.53 -21.15 10.77
CA SER A 153 -10.57 -22.09 11.89
C SER A 153 -9.31 -22.91 12.00
N ASP A 154 -8.69 -23.20 10.87
CA ASP A 154 -7.47 -23.99 10.84
C ASP A 154 -6.31 -23.21 11.38
N LEU A 155 -6.31 -21.94 11.05
CA LEU A 155 -5.29 -21.02 11.51
C LEU A 155 -5.45 -20.78 13.00
N GLU A 156 -6.67 -20.81 13.48
CA GLU A 156 -6.94 -20.68 14.89
C GLU A 156 -6.30 -21.83 15.66
N GLN A 157 -6.50 -23.07 15.19
CA GLN A 157 -5.94 -24.25 15.83
C GLN A 157 -4.44 -24.25 15.77
N LEU A 158 -3.94 -23.97 14.59
CA LEU A 158 -2.52 -23.92 14.38
C LEU A 158 -1.84 -22.82 15.20
N SER A 159 -2.53 -21.70 15.39
CA SER A 159 -1.99 -20.68 16.27
C SER A 159 -1.66 -21.25 17.66
N ARG A 160 -2.51 -22.14 18.17
CA ARG A 160 -2.30 -22.70 19.50
C ARG A 160 -1.19 -23.72 19.56
N VAL A 161 -1.08 -24.55 18.54
CA VAL A 161 0.07 -25.44 18.42
C VAL A 161 1.40 -24.67 18.48
N ILE A 162 1.43 -23.51 17.82
CA ILE A 162 2.66 -22.71 17.76
C ILE A 162 3.02 -22.07 19.10
N MET A 163 2.03 -21.74 19.94
CA MET A 163 2.34 -21.17 21.26
C MET A 163 2.70 -22.22 22.29
N GLU A 164 2.13 -23.40 22.16
CA GLU A 164 2.14 -24.43 23.20
C GLU A 164 3.06 -25.64 22.95
N GLY A 165 3.33 -26.00 21.69
CA GLY A 165 4.32 -27.05 21.33
C GLY A 165 5.77 -26.58 21.33
N HIS A 166 6.70 -27.50 21.62
CA HIS A 166 8.14 -27.24 21.41
C HIS A 166 8.92 -28.32 20.67
N GLN A 167 8.44 -29.57 20.72
CA GLN A 167 9.10 -30.70 20.03
C GLN A 167 9.31 -30.34 18.56
N GLY A 168 10.30 -30.98 17.94
CA GLY A 168 10.60 -30.76 16.52
C GLY A 168 9.54 -31.38 15.63
N ASP A 169 8.97 -32.50 16.11
CA ASP A 169 7.91 -33.22 15.39
C ASP A 169 6.69 -32.33 15.14
N GLU A 170 6.18 -31.73 16.22
CA GLU A 170 5.05 -30.79 16.15
C GLU A 170 5.34 -29.53 15.30
N TYR A 171 6.62 -29.20 15.09
CA TYR A 171 7.02 -27.95 14.41
C TYR A 171 7.34 -28.07 12.93
N ASP A 172 7.94 -29.16 12.49
CA ASP A 172 7.90 -29.49 11.06
C ASP A 172 6.46 -29.42 10.54
N GLU A 173 5.55 -30.05 11.30
CA GLU A 173 4.16 -30.20 10.94
C GLU A 173 3.47 -28.85 10.92
N ALA A 174 3.91 -27.95 11.79
CA ALA A 174 3.27 -26.64 11.90
C ALA A 174 3.61 -25.72 10.73
N LEU A 175 4.89 -25.66 10.33
CA LEU A 175 5.26 -24.92 9.16
C LEU A 175 4.61 -25.45 7.90
N SER A 176 4.54 -26.77 7.76
CA SER A 176 3.86 -27.33 6.61
C SER A 176 2.44 -26.85 6.55
N THR A 177 1.75 -26.88 7.68
CA THR A 177 0.34 -26.52 7.72
C THR A 177 0.20 -25.06 7.34
N LEU A 178 0.98 -24.20 7.99
CA LEU A 178 1.05 -22.81 7.58
C LEU A 178 1.23 -22.62 6.10
N ALA A 179 2.20 -23.31 5.53
CA ALA A 179 2.46 -23.21 4.11
C ALA A 179 1.29 -23.68 3.26
N GLU A 180 0.55 -24.69 3.73
CA GLU A 180 -0.60 -25.17 3.02
C GLU A 180 -1.74 -24.12 3.04
N LEU A 181 -1.91 -23.48 4.18
CA LEU A 181 -2.92 -22.48 4.34
C LEU A 181 -2.60 -21.21 3.53
N GLU A 182 -1.32 -20.86 3.43
CA GLU A 182 -0.96 -19.70 2.65
C GLU A 182 -1.32 -19.97 1.22
N ASP A 183 -0.99 -21.16 0.75
CA ASP A 183 -1.25 -21.51 -0.63
C ASP A 183 -2.71 -21.52 -1.00
N ILE A 184 -3.58 -21.95 -0.09
CA ILE A 184 -4.99 -21.96 -0.38
C ILE A 184 -5.46 -20.52 -0.49
N GLY A 185 -5.13 -19.71 0.49
CA GLY A 185 -5.55 -18.32 0.46
C GLY A 185 -5.11 -17.64 -0.81
N TRP A 186 -3.89 -17.94 -1.22
CA TRP A 186 -3.29 -17.36 -2.40
C TRP A 186 -4.10 -17.74 -3.61
N LYS A 187 -4.41 -19.01 -3.75
CA LYS A 187 -5.21 -19.47 -4.85
C LYS A 187 -6.64 -18.98 -4.80
N VAL A 188 -7.21 -18.90 -3.61
CA VAL A 188 -8.52 -18.29 -3.47
C VAL A 188 -8.48 -16.85 -4.01
N ARG A 189 -7.48 -16.07 -3.64
CA ARG A 189 -7.43 -14.70 -4.11
C ARG A 189 -7.38 -14.63 -5.61
N LEU A 190 -6.61 -15.50 -6.26
CA LEU A 190 -6.52 -15.46 -7.74
C LEU A 190 -7.88 -15.74 -8.30
N CYS A 191 -8.55 -16.72 -7.72
CA CYS A 191 -9.88 -17.06 -8.14
C CYS A 191 -10.85 -15.85 -8.02
N LEU A 192 -10.83 -15.14 -6.89
CA LEU A 192 -11.67 -13.96 -6.72
C LEU A 192 -11.35 -12.84 -7.69
N MET A 193 -10.09 -12.50 -7.82
CA MET A 193 -9.67 -11.38 -8.65
C MET A 193 -10.08 -11.55 -10.09
N ASP A 194 -10.07 -12.81 -10.54
CA ASP A 194 -10.42 -13.15 -11.90
C ASP A 194 -11.91 -13.13 -12.17
N THR A 195 -12.68 -13.67 -11.24
CA THR A 195 -14.11 -13.56 -11.29
C THR A 195 -14.53 -12.10 -11.28
N GLN A 196 -13.86 -11.29 -10.46
CA GLN A 196 -14.16 -9.89 -10.45
C GLN A 196 -13.95 -9.23 -11.80
N ARG A 197 -12.88 -9.57 -12.51
CA ARG A 197 -12.64 -9.02 -13.86
C ARG A 197 -13.73 -9.47 -14.80
N ALA A 198 -14.08 -10.74 -14.68
CA ALA A 198 -15.06 -11.31 -15.57
C ALA A 198 -16.36 -10.58 -15.43
N LEU A 199 -16.83 -10.40 -14.19
CA LEU A 199 -18.10 -9.73 -13.93
C LEU A 199 -18.05 -8.28 -14.34
N ASN A 200 -16.94 -7.58 -14.13
CA ASN A 200 -16.86 -6.22 -14.63
C ASN A 200 -16.99 -6.19 -16.13
N PHE A 201 -16.40 -7.17 -16.80
CA PHE A 201 -16.47 -7.23 -18.25
C PHE A 201 -17.91 -7.38 -18.70
N LEU A 202 -18.66 -8.30 -18.11
CA LEU A 202 -20.04 -8.53 -18.51
C LEU A 202 -20.95 -7.36 -18.29
N VAL A 203 -20.68 -6.63 -17.24
CA VAL A 203 -21.55 -5.55 -16.87
C VAL A 203 -21.48 -4.50 -17.95
N ARG A 204 -20.33 -4.35 -18.57
CA ARG A 204 -20.15 -3.35 -19.61
C ARG A 204 -20.48 -3.82 -21.04
N LYS A 205 -20.41 -5.12 -21.23
CA LYS A 205 -20.46 -5.73 -22.57
C LYS A 205 -21.81 -6.35 -22.91
N ALA A 206 -22.25 -7.41 -22.23
CA ALA A 206 -23.54 -8.02 -22.55
C ALA A 206 -24.68 -7.07 -22.26
N ARG A 207 -25.66 -7.08 -23.16
CA ARG A 207 -27.00 -6.57 -22.90
C ARG A 207 -27.65 -7.52 -21.89
N LEU A 208 -27.18 -7.47 -20.64
CA LEU A 208 -27.72 -8.32 -19.58
C LEU A 208 -29.15 -7.87 -19.28
N PRO A 209 -30.13 -8.79 -19.32
CA PRO A 209 -31.46 -8.42 -18.78
C PRO A 209 -31.37 -7.87 -17.33
N GLY A 210 -32.18 -6.89 -16.99
CA GLY A 210 -32.08 -6.21 -15.69
C GLY A 210 -32.03 -7.08 -14.44
N GLY A 211 -32.68 -8.25 -14.49
CA GLY A 211 -32.67 -9.20 -13.36
C GLY A 211 -31.27 -9.80 -13.16
N GLN A 212 -30.63 -10.07 -14.30
CA GLN A 212 -29.24 -10.48 -14.34
C GLN A 212 -28.28 -9.38 -13.86
N LEU A 213 -28.55 -8.13 -14.21
CA LEU A 213 -27.64 -7.07 -13.83
C LEU A 213 -27.55 -6.97 -12.32
N GLU A 214 -28.68 -6.97 -11.64
CA GLU A 214 -28.65 -6.90 -10.19
C GLU A 214 -27.88 -8.10 -9.63
N GLN A 215 -28.09 -9.26 -10.22
CA GLN A 215 -27.44 -10.50 -9.79
C GLN A 215 -25.93 -10.39 -9.85
N ALA A 216 -25.44 -9.89 -10.98
CA ALA A 216 -24.03 -9.65 -11.18
C ALA A 216 -23.51 -8.66 -10.17
N ARG A 217 -24.25 -7.59 -9.94
CA ARG A 217 -23.83 -6.62 -8.93
C ARG A 217 -23.76 -7.23 -7.54
N GLU A 218 -24.73 -8.06 -7.18
CA GLU A 218 -24.70 -8.77 -5.90
C GLU A 218 -23.41 -9.60 -5.76
N ILE A 219 -23.04 -10.30 -6.82
CA ILE A 219 -21.84 -11.09 -6.81
C ILE A 219 -20.62 -10.21 -6.67
N LEU A 220 -20.57 -9.10 -7.38
CA LEU A 220 -19.43 -8.19 -7.24
C LEU A 220 -19.31 -7.65 -5.82
N ARG A 221 -20.45 -7.39 -5.19
CA ARG A 221 -20.48 -6.89 -3.82
C ARG A 221 -19.92 -7.93 -2.88
N ASP A 222 -20.15 -9.22 -3.17
CA ASP A 222 -19.62 -10.30 -2.34
C ASP A 222 -18.11 -10.42 -2.45
N ILE A 223 -17.61 -10.31 -3.67
CA ILE A 223 -16.20 -10.33 -3.88
C ILE A 223 -15.53 -9.16 -3.17
N GLU A 224 -16.08 -7.95 -3.30
CA GLU A 224 -15.52 -6.81 -2.58
C GLU A 224 -15.45 -7.15 -1.10
N SER A 225 -16.35 -7.98 -0.60
CA SER A 225 -16.36 -8.29 0.81
C SER A 225 -15.48 -9.45 1.24
N LEU A 226 -15.04 -10.28 0.32
CA LEU A 226 -14.18 -11.40 0.65
C LEU A 226 -12.71 -11.07 0.48
N LEU A 227 -12.36 -10.23 -0.48
CA LEU A 227 -10.96 -9.89 -0.69
C LEU A 227 -10.24 -9.39 0.57
N PRO A 228 -10.88 -8.48 1.32
CA PRO A 228 -10.20 -8.04 2.56
C PRO A 228 -9.90 -9.17 3.57
N HIS A 229 -10.79 -10.15 3.65
CA HIS A 229 -10.55 -11.32 4.48
C HIS A 229 -9.31 -12.06 4.04
N ASN A 230 -9.15 -12.17 2.74
CA ASN A 230 -7.99 -12.81 2.20
C ASN A 230 -6.75 -12.11 2.67
N GLU A 231 -6.72 -10.79 2.59
CA GLU A 231 -5.49 -10.07 2.92
C GLU A 231 -5.16 -10.19 4.40
N SER A 232 -6.22 -10.29 5.20
CA SER A 232 -6.11 -10.44 6.63
C SER A 232 -5.40 -11.74 7.02
N LEU A 233 -5.70 -12.83 6.32
CA LEU A 233 -5.08 -14.10 6.58
C LEU A 233 -3.61 -14.08 6.27
N PHE A 234 -3.19 -13.37 5.23
CA PHE A 234 -1.76 -13.34 4.89
C PHE A 234 -0.99 -12.65 6.00
N GLN A 235 -1.51 -11.58 6.56
CA GLN A 235 -0.83 -10.96 7.69
C GLN A 235 -0.58 -11.91 8.84
N LYS A 236 -1.59 -12.72 9.14
CA LYS A 236 -1.57 -13.64 10.27
C LYS A 236 -0.57 -14.71 9.96
N VAL A 237 -0.71 -15.29 8.79
CA VAL A 237 0.18 -16.34 8.37
C VAL A 237 1.63 -15.90 8.41
N ASN A 238 1.91 -14.69 7.95
CA ASN A 238 3.28 -14.20 8.01
C ASN A 238 3.80 -14.01 9.39
N PHE A 239 2.92 -13.54 10.27
CA PHE A 239 3.31 -13.29 11.65
C PHE A 239 3.61 -14.61 12.34
N LEU A 240 2.79 -15.62 12.09
CA LEU A 240 2.98 -16.91 12.70
C LEU A 240 4.30 -17.53 12.27
N MET A 241 4.62 -17.38 11.01
CA MET A 241 5.87 -17.84 10.48
C MET A 241 6.99 -17.20 11.29
N GLN A 242 6.96 -15.89 11.44
CA GLN A 242 7.95 -15.18 12.23
C GLN A 242 8.05 -15.67 13.67
N ALA A 243 6.91 -15.91 14.32
CA ALA A 243 6.89 -16.37 15.70
C ALA A 243 7.56 -17.75 15.88
N ALA A 244 7.20 -18.68 15.02
CA ALA A 244 7.76 -20.00 15.00
C ALA A 244 9.28 -19.94 14.90
N MET A 245 9.80 -19.15 13.97
CA MET A 245 11.25 -19.02 13.87
C MET A 245 11.80 -18.51 15.17
N GLY A 246 11.07 -17.62 15.82
CA GLY A 246 11.47 -17.14 17.13
C GLY A 246 11.57 -18.26 18.14
N PHE A 247 10.58 -19.13 18.14
CA PHE A 247 10.58 -20.21 19.09
C PHE A 247 11.69 -21.25 18.85
N ILE A 248 11.90 -21.55 17.58
CA ILE A 248 12.98 -22.39 17.17
C ILE A 248 14.33 -21.84 17.58
N ASN A 249 14.54 -20.53 17.48
CA ASN A 249 15.82 -19.94 17.87
C ASN A 249 16.00 -19.96 19.37
N ILE A 250 14.90 -19.80 20.09
CA ILE A 250 14.95 -19.88 21.53
C ILE A 250 15.27 -21.31 21.96
N GLU A 251 14.62 -22.28 21.32
CA GLU A 251 14.86 -23.70 21.57
C GLU A 251 16.31 -24.06 21.29
N GLN A 252 16.81 -23.62 20.16
CA GLN A 252 18.19 -23.86 19.80
C GLN A 252 19.15 -23.34 20.86
N ASN A 253 18.90 -22.17 21.40
CA ASN A 253 19.71 -21.67 22.50
C ASN A 253 19.66 -22.56 23.72
N ARG A 254 18.50 -23.16 24.00
CA ARG A 254 18.37 -24.04 25.15
C ARG A 254 19.25 -25.26 24.93
N ILE A 255 19.11 -25.88 23.78
CA ILE A 255 19.88 -27.05 23.39
C ILE A 255 21.37 -26.81 23.55
N ILE A 256 21.87 -25.73 22.99
CA ILE A 256 23.30 -25.45 23.04
C ILE A 256 23.78 -25.36 24.49
N LYS A 257 22.99 -24.76 25.38
CA LYS A 257 23.33 -24.73 26.82
C LYS A 257 23.35 -26.13 27.49
N MET B 1 23.44 -4.76 -39.01
CA MET B 1 22.40 -5.63 -39.62
C MET B 1 21.19 -4.77 -39.97
N LEU B 2 20.98 -4.55 -41.26
CA LEU B 2 19.88 -3.76 -41.72
C LEU B 2 18.92 -4.64 -42.49
N SER B 3 17.68 -4.64 -42.04
CA SER B 3 16.59 -5.27 -42.76
C SER B 3 15.60 -4.19 -43.03
N ALA B 4 14.83 -4.36 -44.09
CA ALA B 4 13.82 -3.39 -44.48
C ALA B 4 12.60 -4.14 -45.01
N PHE B 5 11.42 -3.58 -44.79
CA PHE B 5 10.17 -4.19 -45.15
C PHE B 5 9.29 -3.20 -45.85
N GLN B 6 8.44 -3.70 -46.73
CA GLN B 6 7.50 -2.87 -47.44
C GLN B 6 6.13 -3.54 -47.43
N LEU B 7 5.11 -2.76 -47.76
CA LEU B 7 3.74 -3.24 -47.70
C LEU B 7 3.22 -3.67 -49.10
N GLU B 8 2.57 -4.83 -49.17
CA GLU B 8 1.97 -5.33 -50.40
C GLU B 8 0.62 -5.98 -50.08
N ASN B 9 -0.45 -5.20 -50.20
CA ASN B 9 -1.81 -5.62 -49.77
C ASN B 9 -1.88 -5.87 -48.29
N ASN B 10 -1.47 -4.88 -47.53
CA ASN B 10 -1.38 -5.01 -46.09
C ASN B 10 -0.60 -6.26 -45.65
N ARG B 11 0.46 -6.63 -46.37
CA ARG B 11 1.34 -7.73 -45.95
C ARG B 11 2.78 -7.24 -45.94
N LEU B 12 3.46 -7.46 -44.84
CA LEU B 12 4.85 -7.04 -44.74
C LEU B 12 5.72 -7.99 -45.51
N THR B 13 6.46 -7.46 -46.47
CA THR B 13 7.36 -8.28 -47.30
C THR B 13 8.79 -7.75 -47.24
N ARG B 14 9.72 -8.68 -47.01
CA ARG B 14 11.10 -8.32 -46.80
C ARG B 14 11.72 -7.81 -48.09
N LEU B 15 12.25 -6.59 -48.07
CA LEU B 15 13.05 -6.04 -49.17
C LEU B 15 14.44 -6.64 -49.13
N GLU B 16 15.06 -6.73 -50.29
CA GLU B 16 16.44 -7.16 -50.40
C GLU B 16 17.19 -5.85 -50.40
N VAL B 17 18.18 -5.74 -49.52
CA VAL B 17 18.87 -4.48 -49.25
C VAL B 17 20.34 -4.44 -49.67
N GLU B 18 21.02 -5.57 -49.53
CA GLU B 18 22.39 -5.69 -50.04
C GLU B 18 22.42 -5.40 -51.54
N GLU B 19 21.43 -5.92 -52.26
CA GLU B 19 21.29 -5.69 -53.70
C GLU B 19 20.34 -4.51 -54.01
N SER B 20 19.02 -4.70 -53.89
CA SER B 20 18.05 -3.63 -54.22
C SER B 20 18.21 -2.47 -53.26
N GLN B 21 18.86 -1.42 -53.73
CA GLN B 21 19.25 -0.30 -52.90
C GLN B 21 18.07 0.58 -52.42
N PRO B 22 17.05 0.83 -53.27
CA PRO B 22 16.05 1.81 -52.86
C PRO B 22 15.35 1.47 -51.54
N LEU B 23 15.70 2.22 -50.50
CA LEU B 23 15.08 2.09 -49.19
C LEU B 23 13.82 2.91 -49.07
N VAL B 24 13.62 3.86 -49.98
CA VAL B 24 12.48 4.79 -49.89
C VAL B 24 11.13 4.05 -49.90
N ASN B 25 11.09 2.86 -50.48
CA ASN B 25 9.85 2.09 -50.54
C ASN B 25 9.48 1.37 -49.24
N ALA B 26 10.36 1.42 -48.25
CA ALA B 26 10.14 0.68 -47.03
C ALA B 26 9.24 1.42 -46.07
N VAL B 27 8.38 0.67 -45.40
CA VAL B 27 7.57 1.19 -44.30
C VAL B 27 8.28 0.97 -42.95
N TRP B 28 9.16 0.00 -42.87
CA TRP B 28 9.83 -0.33 -41.65
C TRP B 28 11.29 -0.61 -41.93
N ILE B 29 12.18 0.14 -41.27
CA ILE B 29 13.59 -0.17 -41.28
C ILE B 29 13.99 -0.66 -39.89
N ASP B 30 14.62 -1.82 -39.85
CA ASP B 30 14.96 -2.46 -38.59
C ASP B 30 16.47 -2.62 -38.52
N LEU B 31 17.13 -1.88 -37.63
CA LEU B 31 18.57 -2.05 -37.43
C LEU B 31 18.95 -2.80 -36.15
N VAL B 32 19.87 -3.75 -36.28
CA VAL B 32 20.42 -4.50 -35.15
C VAL B 32 21.94 -4.30 -35.11
N GLU B 33 22.43 -3.64 -34.06
CA GLU B 33 23.89 -3.36 -33.91
C GLU B 33 24.50 -2.78 -35.18
N PRO B 34 23.92 -1.71 -35.69
CA PRO B 34 24.32 -1.25 -37.00
C PRO B 34 25.67 -0.54 -37.00
N ASP B 35 26.51 -0.86 -37.98
CA ASP B 35 27.80 -0.17 -38.16
C ASP B 35 27.55 1.22 -38.76
N ASP B 36 28.59 2.04 -38.85
CA ASP B 36 28.43 3.42 -39.28
C ASP B 36 28.11 3.51 -40.75
N ASP B 37 28.37 2.44 -41.49
CA ASP B 37 27.92 2.35 -42.89
C ASP B 37 26.40 2.30 -42.98
N GLU B 38 25.79 1.44 -42.19
CA GLU B 38 24.33 1.32 -42.19
C GLU B 38 23.63 2.58 -41.65
N ARG B 39 24.26 3.23 -40.69
CA ARG B 39 23.69 4.44 -40.12
C ARG B 39 23.72 5.56 -41.15
N LEU B 40 24.86 5.70 -41.81
CA LEU B 40 25.04 6.73 -42.85
C LEU B 40 24.11 6.51 -44.03
N ARG B 41 23.86 5.25 -44.33
CA ARG B 41 22.96 4.89 -45.40
C ARG B 41 21.54 5.39 -45.11
N VAL B 42 21.07 5.10 -43.91
CA VAL B 42 19.76 5.57 -43.50
C VAL B 42 19.71 7.09 -43.45
N GLN B 43 20.82 7.69 -42.99
CA GLN B 43 20.93 9.14 -42.90
C GLN B 43 20.81 9.82 -44.25
N SER B 44 21.46 9.28 -45.27
CA SER B 44 21.43 9.92 -46.57
C SER B 44 20.17 9.54 -47.39
N GLU B 45 19.85 8.24 -47.47
CA GLU B 45 18.70 7.80 -48.25
C GLU B 45 17.35 8.28 -47.71
N LEU B 46 17.19 8.28 -46.39
CA LEU B 46 16.02 8.87 -45.74
C LEU B 46 16.55 9.98 -44.90
N GLY B 47 15.71 10.66 -44.15
CA GLY B 47 16.21 11.86 -43.45
C GLY B 47 16.81 11.57 -42.09
N GLN B 48 17.08 10.29 -41.80
CA GLN B 48 16.97 9.81 -40.45
C GLN B 48 18.25 9.66 -39.67
N SER B 49 18.40 10.53 -38.68
CA SER B 49 19.38 10.30 -37.62
C SER B 49 18.82 9.30 -36.65
N LEU B 50 19.71 8.49 -36.09
CA LEU B 50 19.31 7.47 -35.15
C LEU B 50 20.00 7.67 -33.81
N ALA B 51 19.30 7.30 -32.77
CA ALA B 51 19.82 7.43 -31.42
C ALA B 51 21.15 6.73 -31.27
N THR B 52 22.05 7.32 -30.50
CA THR B 52 23.32 6.69 -30.21
C THR B 52 23.17 5.66 -29.09
N ARG B 53 24.21 4.85 -28.91
CA ARG B 53 24.22 3.80 -27.89
C ARG B 53 23.99 4.35 -26.48
N PRO B 54 24.70 5.42 -26.08
CA PRO B 54 24.47 5.93 -24.71
C PRO B 54 23.12 6.59 -24.45
N GLU B 55 22.42 7.04 -25.50
CA GLU B 55 21.08 7.63 -25.32
C GLU B 55 19.99 6.59 -25.11
N LEU B 56 20.24 5.34 -25.42
CA LEU B 56 19.30 4.25 -25.11
C LEU B 56 19.38 3.78 -23.66
N GLU B 57 20.33 4.34 -22.92
CA GLU B 57 20.57 3.98 -21.54
C GLU B 57 19.75 4.87 -20.63
N ASP B 58 19.31 6.02 -21.18
CA ASP B 58 18.65 7.02 -20.35
C ASP B 58 17.23 6.54 -20.05
N ILE B 59 16.83 6.69 -18.79
CA ILE B 59 15.60 6.08 -18.29
C ILE B 59 14.52 7.09 -17.95
N GLU B 60 14.93 8.33 -17.81
CA GLU B 60 14.06 9.49 -17.65
C GLU B 60 12.99 9.57 -18.76
N ALA B 61 11.74 9.86 -18.40
CA ALA B 61 10.64 9.96 -19.39
C ALA B 61 10.97 10.84 -20.57
N SER B 62 11.49 12.01 -20.28
CA SER B 62 11.83 12.94 -21.35
C SER B 62 12.91 12.42 -22.31
N ALA B 63 13.68 11.43 -21.88
CA ALA B 63 14.72 10.88 -22.72
C ALA B 63 14.22 9.72 -23.56
N ARG B 64 13.06 9.17 -23.18
CA ARG B 64 12.49 7.98 -23.80
C ARG B 64 11.26 8.26 -24.67
N PHE B 65 10.41 9.18 -24.26
CA PHE B 65 9.13 9.42 -24.95
C PHE B 65 9.09 10.92 -25.28
N PHE B 66 9.34 11.24 -26.55
CA PHE B 66 9.47 12.63 -26.99
C PHE B 66 9.31 12.78 -28.49
N GLU B 67 8.98 14.01 -28.92
CA GLU B 67 8.80 14.38 -30.34
C GLU B 67 9.81 15.45 -30.71
N ASP B 68 10.41 15.37 -31.88
CA ASP B 68 11.34 16.41 -32.32
C ASP B 68 11.45 16.41 -33.83
N ASP B 69 12.41 17.15 -34.38
CA ASP B 69 12.53 17.24 -35.83
C ASP B 69 12.79 15.89 -36.49
N ASP B 70 13.37 14.96 -35.76
CA ASP B 70 13.62 13.62 -36.28
C ASP B 70 12.44 12.69 -36.12
N GLY B 71 11.35 13.17 -35.56
CA GLY B 71 10.10 12.41 -35.54
C GLY B 71 9.55 12.12 -34.15
N LEU B 72 8.74 11.08 -34.05
CA LEU B 72 8.20 10.62 -32.78
C LEU B 72 9.01 9.43 -32.23
N HIS B 73 9.54 9.58 -31.02
CA HIS B 73 10.43 8.57 -30.42
C HIS B 73 9.77 7.86 -29.26
N ILE B 74 9.91 6.55 -29.23
CA ILE B 74 9.54 5.75 -28.08
C ILE B 74 10.66 4.76 -27.81
N HIS B 75 11.28 4.85 -26.63
CA HIS B 75 12.28 3.85 -26.23
C HIS B 75 11.64 2.94 -25.23
N SER B 76 11.62 1.65 -25.52
CA SER B 76 10.94 0.72 -24.66
C SER B 76 11.81 -0.48 -24.31
N PHE B 77 11.75 -0.94 -23.07
CA PHE B 77 12.41 -2.21 -22.66
C PHE B 77 11.73 -3.41 -23.31
N PHE B 78 12.54 -4.32 -23.80
CA PHE B 78 12.08 -5.59 -24.35
C PHE B 78 12.79 -6.70 -23.58
N PHE B 79 12.08 -7.79 -23.31
CA PHE B 79 12.57 -8.84 -22.45
C PHE B 79 13.34 -9.90 -23.23
N PHE B 80 14.39 -10.45 -22.65
CA PHE B 80 15.14 -11.51 -23.33
C PHE B 80 15.97 -12.31 -22.33
N GLU B 81 16.57 -13.40 -22.79
CA GLU B 81 17.42 -14.24 -21.96
C GLU B 81 18.76 -14.31 -22.62
N ASP B 82 19.81 -14.00 -21.88
CA ASP B 82 21.15 -14.03 -22.44
C ASP B 82 21.64 -15.47 -22.59
N ALA B 83 22.87 -15.62 -23.07
CA ALA B 83 23.40 -16.95 -23.42
C ALA B 83 23.33 -17.96 -22.28
N GLU B 84 23.45 -17.48 -21.04
CA GLU B 84 23.45 -18.36 -19.86
C GLU B 84 22.11 -18.39 -19.11
N ASP B 85 21.03 -18.14 -19.85
CA ASP B 85 19.66 -18.24 -19.33
C ASP B 85 19.37 -17.24 -18.22
N HIS B 86 19.93 -16.05 -18.33
CA HIS B 86 19.68 -15.02 -17.36
C HIS B 86 18.87 -13.87 -17.94
N ALA B 87 17.78 -13.56 -17.28
CA ALA B 87 16.82 -12.59 -17.84
C ALA B 87 17.41 -11.20 -17.94
N GLY B 88 16.91 -10.43 -18.89
CA GLY B 88 17.32 -9.05 -19.08
C GLY B 88 16.26 -8.24 -19.81
N ASN B 89 16.44 -6.93 -19.79
CA ASN B 89 15.65 -6.00 -20.57
C ASN B 89 16.54 -5.17 -21.51
N SER B 90 16.31 -5.24 -22.82
CA SER B 90 17.09 -4.49 -23.79
C SER B 90 16.26 -3.37 -24.33
N THR B 91 16.80 -2.15 -24.32
CA THR B 91 16.06 -1.00 -24.82
C THR B 91 16.06 -0.96 -26.35
N VAL B 92 14.89 -0.67 -26.91
CA VAL B 92 14.69 -0.59 -28.35
C VAL B 92 14.17 0.80 -28.64
N ALA B 93 14.78 1.48 -29.60
CA ALA B 93 14.37 2.81 -29.93
C ALA B 93 13.45 2.77 -31.15
N PHE B 94 12.18 3.13 -30.95
CA PHE B 94 11.24 3.23 -32.02
C PHE B 94 11.17 4.66 -32.46
N THR B 95 11.24 4.89 -33.76
CA THR B 95 11.01 6.22 -34.31
C THR B 95 10.05 6.16 -35.49
N ILE B 96 9.08 7.08 -35.49
CA ILE B 96 8.16 7.19 -36.59
C ILE B 96 8.31 8.55 -37.20
N ARG B 97 8.48 8.57 -38.53
CA ARG B 97 8.62 9.81 -39.28
C ARG B 97 8.23 9.59 -40.72
N ASP B 98 7.37 10.48 -41.24
CA ASP B 98 6.87 10.39 -42.61
C ASP B 98 6.32 8.98 -42.89
N GLY B 99 5.45 8.48 -42.01
CA GLY B 99 4.79 7.20 -42.24
C GLY B 99 5.71 5.98 -42.25
N ARG B 100 6.97 6.13 -41.88
CA ARG B 100 7.91 5.02 -41.72
C ARG B 100 8.33 4.77 -40.28
N LEU B 101 8.47 3.51 -39.93
CA LEU B 101 8.93 3.10 -38.60
C LEU B 101 10.40 2.69 -38.66
N PHE B 102 11.21 3.21 -37.74
CA PHE B 102 12.58 2.78 -37.59
C PHE B 102 12.74 2.11 -36.23
N THR B 103 13.28 0.90 -36.20
CA THR B 103 13.59 0.26 -34.94
C THR B 103 15.09 0.07 -34.87
N LEU B 104 15.65 0.50 -33.75
CA LEU B 104 17.08 0.37 -33.55
C LEU B 104 17.30 -0.41 -32.27
N ARG B 105 18.04 -1.50 -32.37
CA ARG B 105 18.25 -2.36 -31.22
C ARG B 105 19.68 -2.92 -31.11
N GLU B 106 20.08 -3.25 -29.88
CA GLU B 106 21.41 -3.83 -29.58
C GLU B 106 21.53 -5.29 -29.89
N ARG B 107 20.43 -6.01 -30.07
CA ARG B 107 20.47 -7.47 -30.17
C ARG B 107 19.21 -8.05 -30.75
N GLU B 108 19.28 -9.33 -31.13
CA GLU B 108 18.11 -10.07 -31.54
C GLU B 108 17.17 -10.19 -30.36
N LEU B 109 15.87 -10.26 -30.65
CA LEU B 109 14.86 -10.29 -29.60
C LEU B 109 13.73 -11.21 -29.98
N PRO B 110 13.20 -11.94 -29.00
CA PRO B 110 12.18 -12.92 -29.37
C PRO B 110 10.87 -12.32 -29.91
N ALA B 111 10.45 -11.15 -29.42
CA ALA B 111 9.22 -10.52 -29.94
C ALA B 111 9.38 -10.19 -31.41
N PHE B 112 10.54 -9.70 -31.79
CA PHE B 112 10.78 -9.34 -33.17
C PHE B 112 10.82 -10.58 -34.04
N ARG B 113 11.53 -11.62 -33.60
CA ARG B 113 11.63 -12.86 -34.37
C ARG B 113 10.22 -13.40 -34.57
N LEU B 114 9.42 -13.35 -33.53
CA LEU B 114 8.04 -13.87 -33.58
C LEU B 114 7.15 -13.03 -34.48
N TYR B 115 7.21 -11.72 -34.33
CA TYR B 115 6.41 -10.88 -35.20
C TYR B 115 6.73 -11.12 -36.65
N ARG B 116 8.00 -11.26 -36.96
CA ARG B 116 8.45 -11.43 -38.34
C ARG B 116 8.00 -12.76 -38.92
N MET B 117 8.07 -13.83 -38.15
CA MET B 117 7.55 -15.13 -38.59
C MET B 117 6.09 -15.02 -39.03
N ARG B 118 5.28 -14.43 -38.16
CA ARG B 118 3.85 -14.24 -38.42
C ARG B 118 3.57 -13.28 -39.56
N ALA B 119 4.38 -12.24 -39.65
CA ALA B 119 4.20 -11.19 -40.66
C ALA B 119 4.27 -11.74 -42.05
N ARG B 120 5.03 -12.80 -42.20
CA ARG B 120 5.10 -13.55 -43.42
C ARG B 120 3.78 -14.05 -43.99
N SER B 121 2.79 -14.31 -43.15
CA SER B 121 1.55 -14.94 -43.62
C SER B 121 0.37 -14.40 -42.83
N GLN B 122 0.21 -13.09 -42.84
CA GLN B 122 -0.82 -12.44 -42.03
C GLN B 122 -0.97 -10.99 -42.44
N SER B 123 -2.19 -10.60 -42.75
CA SER B 123 -2.45 -9.27 -43.23
C SER B 123 -2.60 -8.28 -42.08
N MET B 124 -2.08 -7.08 -42.27
CA MET B 124 -2.34 -5.98 -41.36
C MET B 124 -3.69 -5.42 -41.73
N VAL B 125 -4.19 -4.51 -40.91
CA VAL B 125 -5.52 -3.94 -41.12
C VAL B 125 -5.42 -2.62 -41.89
N ASP B 126 -4.99 -1.55 -41.21
CA ASP B 126 -4.86 -0.23 -41.81
C ASP B 126 -3.53 -0.09 -42.56
N GLY B 127 -2.53 -0.84 -42.12
CA GLY B 127 -1.26 -0.93 -42.84
C GLY B 127 -0.37 0.28 -42.72
N ASN B 128 0.10 0.58 -41.51
CA ASN B 128 0.92 1.77 -41.29
C ASN B 128 1.85 1.64 -40.10
N ALA B 129 2.83 2.54 -40.03
CA ALA B 129 3.85 2.58 -39.00
C ALA B 129 3.31 2.48 -37.58
N TYR B 130 2.19 3.13 -37.29
CA TYR B 130 1.63 3.09 -35.96
C TYR B 130 1.04 1.71 -35.67
N GLU B 131 0.33 1.12 -36.62
CA GLU B 131 -0.20 -0.22 -36.39
C GLU B 131 0.96 -1.16 -36.10
N LEU B 132 2.04 -0.96 -36.83
CA LEU B 132 3.18 -1.85 -36.82
C LEU B 132 3.87 -1.81 -35.48
N LEU B 133 4.05 -0.61 -34.96
CA LEU B 133 4.59 -0.40 -33.63
C LEU B 133 3.70 -1.03 -32.56
N LEU B 134 2.40 -0.83 -32.64
CA LEU B 134 1.52 -1.49 -31.71
C LEU B 134 1.51 -3.03 -31.86
N ASP B 135 1.72 -3.55 -33.07
CA ASP B 135 1.79 -5.00 -33.26
C ASP B 135 2.99 -5.57 -32.53
N LEU B 136 4.12 -4.89 -32.62
CA LEU B 136 5.29 -5.31 -31.90
C LEU B 136 5.04 -5.29 -30.39
N PHE B 137 4.28 -4.31 -29.91
CA PHE B 137 3.91 -4.25 -28.48
C PHE B 137 2.93 -5.35 -28.05
N GLU B 138 1.90 -5.60 -28.85
CA GLU B 138 1.02 -6.75 -28.65
C GLU B 138 1.83 -8.00 -28.46
N THR B 139 2.82 -8.21 -29.32
CA THR B 139 3.63 -9.41 -29.31
C THR B 139 4.46 -9.48 -28.05
N LYS B 140 5.11 -8.38 -27.71
CA LYS B 140 5.82 -8.26 -26.46
C LYS B 140 4.92 -8.64 -25.29
N ILE B 141 3.72 -8.09 -25.19
CA ILE B 141 2.85 -8.44 -24.07
C ILE B 141 2.49 -9.92 -24.07
N GLU B 142 2.18 -10.48 -25.22
CA GLU B 142 1.87 -11.90 -25.30
C GLU B 142 2.98 -12.77 -24.70
N GLN B 143 4.24 -12.31 -24.83
CA GLN B 143 5.39 -13.08 -24.38
C GLN B 143 5.60 -12.87 -22.93
N LEU B 144 5.46 -11.64 -22.45
CA LEU B 144 5.49 -11.42 -21.02
C LEU B 144 4.43 -12.21 -20.28
N ALA B 145 3.28 -12.43 -20.89
CA ALA B 145 2.22 -13.23 -20.27
C ALA B 145 2.60 -14.68 -20.20
N ASP B 146 3.29 -15.16 -21.22
CA ASP B 146 3.82 -16.49 -21.23
C ASP B 146 4.87 -16.64 -20.11
N GLU B 147 5.78 -15.68 -19.98
CA GLU B 147 6.75 -15.69 -18.89
C GLU B 147 6.09 -15.83 -17.54
N ILE B 148 5.04 -15.07 -17.32
CA ILE B 148 4.39 -15.09 -16.05
C ILE B 148 3.72 -16.44 -15.85
N GLU B 149 3.02 -16.91 -16.88
CA GLU B 149 2.41 -18.22 -16.84
C GLU B 149 3.43 -19.27 -16.43
N ASN B 150 4.66 -19.12 -16.90
CA ASN B 150 5.71 -20.08 -16.53
C ASN B 150 6.27 -19.94 -15.15
N ILE B 151 6.38 -18.71 -14.66
CA ILE B 151 6.77 -18.53 -13.29
C ILE B 151 5.74 -19.23 -12.40
N TYR B 152 4.47 -19.18 -12.75
CA TYR B 152 3.47 -19.85 -11.95
C TYR B 152 3.73 -21.32 -11.85
N SER B 153 3.91 -22.00 -12.97
CA SER B 153 4.07 -23.46 -12.92
C SER B 153 5.37 -23.89 -12.26
N ASP B 154 6.43 -23.09 -12.41
CA ASP B 154 7.71 -23.37 -11.80
C ASP B 154 7.68 -23.20 -10.31
N LEU B 155 6.97 -22.16 -9.90
CA LEU B 155 6.80 -21.87 -8.49
C LEU B 155 5.92 -22.93 -7.83
N GLU B 156 4.97 -23.47 -8.58
CA GLU B 156 4.12 -24.52 -8.09
C GLU B 156 4.96 -25.75 -7.74
N GLN B 157 5.84 -26.13 -8.65
CA GLN B 157 6.70 -27.29 -8.44
C GLN B 157 7.63 -27.04 -7.28
N LEU B 158 8.27 -25.88 -7.30
CA LEU B 158 9.24 -25.52 -6.29
C LEU B 158 8.59 -25.41 -4.91
N SER B 159 7.34 -24.96 -4.86
CA SER B 159 6.61 -24.99 -3.62
C SER B 159 6.60 -26.39 -2.99
N ARG B 160 6.45 -27.43 -3.78
CA ARG B 160 6.37 -28.78 -3.24
C ARG B 160 7.72 -29.29 -2.78
N VAL B 161 8.77 -28.95 -3.51
CA VAL B 161 10.13 -29.29 -3.10
C VAL B 161 10.42 -28.71 -1.71
N ILE B 162 9.95 -27.49 -1.47
CA ILE B 162 10.21 -26.81 -0.22
C ILE B 162 9.43 -27.40 0.97
N MET B 163 8.25 -27.96 0.75
CA MET B 163 7.51 -28.62 1.85
C MET B 163 8.07 -29.96 2.25
N GLU B 164 8.72 -30.66 1.34
CA GLU B 164 9.36 -31.92 1.78
C GLU B 164 10.57 -31.84 2.75
N GLY B 165 11.14 -30.64 3.00
CA GLY B 165 12.59 -30.56 3.16
C GLY B 165 13.23 -30.60 4.54
N HIS B 166 14.03 -31.64 4.89
CA HIS B 166 14.53 -32.80 4.04
C HIS B 166 15.52 -32.38 2.93
N GLN B 167 16.72 -32.00 3.38
CA GLN B 167 17.59 -30.98 2.74
C GLN B 167 18.59 -31.13 1.57
N GLY B 168 19.72 -31.82 1.80
CA GLY B 168 20.91 -31.63 0.96
C GLY B 168 20.87 -32.45 -0.31
N ASP B 169 21.33 -31.93 -1.46
CA ASP B 169 21.49 -30.51 -1.83
C ASP B 169 20.21 -30.05 -2.49
N GLU B 170 19.06 -30.64 -2.19
CA GLU B 170 17.77 -30.16 -2.73
C GLU B 170 17.43 -28.71 -2.31
N TYR B 171 18.07 -28.21 -1.26
CA TYR B 171 17.77 -26.88 -0.72
C TYR B 171 18.67 -25.74 -1.16
N ASP B 172 19.94 -26.00 -1.34
CA ASP B 172 20.75 -25.05 -2.10
C ASP B 172 20.05 -24.74 -3.44
N GLU B 173 19.61 -25.81 -4.11
CA GLU B 173 19.00 -25.75 -5.43
C GLU B 173 17.67 -25.00 -5.39
N ALA B 174 16.97 -25.10 -4.27
CA ALA B 174 15.67 -24.50 -4.15
C ALA B 174 15.76 -22.98 -4.00
N LEU B 175 16.66 -22.48 -3.18
CA LEU B 175 16.88 -21.04 -3.06
C LEU B 175 17.40 -20.43 -4.32
N SER B 176 18.30 -21.11 -5.01
CA SER B 176 18.73 -20.62 -6.31
C SER B 176 17.59 -20.49 -7.29
N THR B 177 16.72 -21.50 -7.34
CA THR B 177 15.57 -21.43 -8.23
C THR B 177 14.68 -20.27 -7.85
N LEU B 178 14.31 -20.19 -6.59
CA LEU B 178 13.55 -19.04 -6.11
C LEU B 178 14.13 -17.72 -6.56
N ALA B 179 15.41 -17.56 -6.37
CA ALA B 179 16.08 -16.34 -6.74
C ALA B 179 16.04 -16.08 -8.26
N GLU B 180 16.06 -17.12 -9.07
CA GLU B 180 15.96 -16.94 -10.50
C GLU B 180 14.52 -16.50 -10.88
N LEU B 181 13.53 -17.08 -10.24
CA LEU B 181 12.14 -16.73 -10.51
C LEU B 181 11.83 -15.32 -10.04
N GLU B 182 12.42 -14.89 -8.93
CA GLU B 182 12.18 -13.54 -8.48
C GLU B 182 12.72 -12.58 -9.53
N ASP B 183 13.93 -12.86 -9.97
CA ASP B 183 14.57 -11.98 -10.94
C ASP B 183 13.79 -11.86 -12.27
N ILE B 184 13.22 -12.94 -12.76
CA ILE B 184 12.45 -12.90 -13.98
C ILE B 184 11.22 -12.02 -13.74
N GLY B 185 10.51 -12.27 -12.65
CA GLY B 185 9.32 -11.50 -12.36
C GLY B 185 9.64 -10.03 -12.28
N TRP B 186 10.76 -9.74 -11.68
CA TRP B 186 11.20 -8.37 -11.48
C TRP B 186 11.45 -7.72 -12.80
N LYS B 187 12.18 -8.39 -13.67
CA LYS B 187 12.41 -7.87 -14.99
C LYS B 187 11.17 -7.82 -15.87
N VAL B 188 10.28 -8.78 -15.75
CA VAL B 188 9.01 -8.68 -16.41
C VAL B 188 8.27 -7.42 -15.97
N ARG B 189 8.19 -7.15 -14.68
CA ARG B 189 7.49 -5.98 -14.24
C ARG B 189 8.09 -4.71 -14.84
N LEU B 190 9.41 -4.59 -14.90
CA LEU B 190 10.01 -3.36 -15.45
C LEU B 190 9.58 -3.24 -16.89
N CYS B 191 9.61 -4.34 -17.60
CA CYS B 191 9.18 -4.35 -18.95
C CYS B 191 7.71 -3.86 -19.11
N LEU B 192 6.78 -4.37 -18.31
CA LEU B 192 5.38 -3.94 -18.34
C LEU B 192 5.18 -2.46 -17.98
N MET B 193 5.79 -2.00 -16.91
CA MET B 193 5.64 -0.64 -16.44
C MET B 193 6.07 0.37 -17.47
N ASP B 194 7.11 0.02 -18.22
CA ASP B 194 7.69 0.87 -19.25
C ASP B 194 6.85 0.92 -20.52
N THR B 195 6.37 -0.24 -20.95
CA THR B 195 5.42 -0.31 -22.04
C THR B 195 4.14 0.47 -21.70
N GLN B 196 3.69 0.36 -20.47
CA GLN B 196 2.56 1.13 -20.03
C GLN B 196 2.78 2.65 -20.16
N ARG B 197 3.97 3.16 -19.82
CA ARG B 197 4.24 4.59 -19.97
C ARG B 197 4.26 4.97 -21.41
N ALA B 198 4.87 4.11 -22.21
CA ALA B 198 4.98 4.38 -23.63
C ALA B 198 3.62 4.50 -24.24
N LEU B 199 2.74 3.53 -24.00
CA LEU B 199 1.39 3.55 -24.53
C LEU B 199 0.56 4.72 -24.00
N ASN B 200 0.71 5.09 -22.73
CA ASN B 200 0.05 6.29 -22.27
C ASN B 200 0.53 7.51 -23.03
N PHE B 201 1.81 7.55 -23.31
CA PHE B 201 2.39 8.68 -24.05
C PHE B 201 1.77 8.77 -25.43
N LEU B 202 1.67 7.67 -26.16
CA LEU B 202 1.14 7.69 -27.53
C LEU B 202 -0.31 8.06 -27.61
N VAL B 203 -1.06 7.69 -26.60
CA VAL B 203 -2.48 7.93 -26.61
C VAL B 203 -2.74 9.42 -26.54
N ARG B 204 -1.87 10.15 -25.84
CA ARG B 204 -1.99 11.58 -25.73
C ARG B 204 -1.33 12.42 -26.84
N LYS B 205 -0.32 11.83 -27.47
CA LYS B 205 0.59 12.53 -28.38
C LYS B 205 0.31 12.29 -29.87
N ALA B 206 0.52 11.07 -30.38
CA ALA B 206 0.24 10.84 -31.79
C ALA B 206 -1.22 11.03 -32.10
N ARG B 207 -1.46 11.66 -33.26
CA ARG B 207 -2.75 11.56 -33.94
C ARG B 207 -2.91 10.10 -34.43
N LEU B 208 -3.12 9.18 -33.49
CA LEU B 208 -3.30 7.79 -33.82
C LEU B 208 -4.62 7.62 -34.58
N PRO B 209 -4.57 7.00 -35.77
CA PRO B 209 -5.86 6.64 -36.39
C PRO B 209 -6.77 5.84 -35.43
N GLY B 210 -8.07 6.03 -35.46
CA GLY B 210 -8.97 5.38 -34.52
C GLY B 210 -8.83 3.87 -34.32
N GLY B 211 -8.44 3.15 -35.37
CA GLY B 211 -8.24 1.69 -35.30
C GLY B 211 -7.07 1.38 -34.38
N GLN B 212 -6.04 2.22 -34.51
CA GLN B 212 -4.86 2.17 -33.65
C GLN B 212 -5.18 2.54 -32.21
N LEU B 213 -6.06 3.50 -32.00
CA LEU B 213 -6.37 3.90 -30.66
C LEU B 213 -6.99 2.75 -29.87
N GLU B 214 -7.97 2.07 -30.45
CA GLU B 214 -8.56 0.93 -29.77
C GLU B 214 -7.49 -0.13 -29.46
N GLN B 215 -6.59 -0.37 -30.41
CA GLN B 215 -5.51 -1.35 -30.29
C GLN B 215 -4.63 -1.04 -29.12
N ALA B 216 -4.22 0.21 -29.02
CA ALA B 216 -3.46 0.69 -27.88
C ALA B 216 -4.22 0.49 -26.58
N ARG B 217 -5.50 0.83 -26.54
CA ARG B 217 -6.29 0.64 -25.34
C ARG B 217 -6.39 -0.81 -24.94
N GLU B 218 -6.58 -1.70 -25.91
CA GLU B 218 -6.56 -3.14 -25.64
C GLU B 218 -5.25 -3.59 -24.96
N ILE B 219 -4.12 -3.10 -25.47
CA ILE B 219 -2.82 -3.43 -24.90
C ILE B 219 -2.73 -2.88 -23.51
N LEU B 220 -3.18 -1.65 -23.28
CA LEU B 220 -3.14 -1.10 -21.91
C LEU B 220 -3.98 -1.91 -20.96
N ARG B 221 -5.12 -2.40 -21.44
CA ARG B 221 -6.01 -3.23 -20.64
C ARG B 221 -5.34 -4.52 -20.25
N ASP B 222 -4.50 -5.06 -21.14
CA ASP B 222 -3.78 -6.30 -20.85
C ASP B 222 -2.71 -6.08 -19.79
N ILE B 223 -1.98 -4.98 -19.89
CA ILE B 223 -0.98 -4.65 -18.91
C ILE B 223 -1.64 -4.48 -17.56
N GLU B 224 -2.76 -3.76 -17.50
CA GLU B 224 -3.47 -3.60 -16.26
C GLU B 224 -3.78 -4.97 -15.68
N SER B 225 -3.97 -5.98 -16.52
CA SER B 225 -4.35 -7.30 -16.04
C SER B 225 -3.20 -8.19 -15.73
N LEU B 226 -1.99 -7.86 -16.17
CA LEU B 226 -0.82 -8.68 -15.86
C LEU B 226 -0.07 -8.19 -14.65
N LEU B 227 -0.05 -6.87 -14.41
CA LEU B 227 0.67 -6.33 -13.27
C LEU B 227 0.27 -6.99 -11.95
N PRO B 228 -1.01 -7.16 -11.71
CA PRO B 228 -1.38 -7.79 -10.44
C PRO B 228 -0.82 -9.18 -10.27
N HIS B 229 -0.74 -9.93 -11.37
CA HIS B 229 -0.15 -11.27 -11.34
C HIS B 229 1.29 -11.20 -10.92
N ASN B 230 1.98 -10.17 -11.40
CA ASN B 230 3.35 -9.95 -11.04
C ASN B 230 3.47 -9.74 -9.58
N GLU B 231 2.61 -8.92 -9.01
CA GLU B 231 2.70 -8.61 -7.55
C GLU B 231 2.38 -9.82 -6.67
N SER B 232 1.49 -10.65 -7.19
CA SER B 232 1.11 -11.88 -6.56
C SER B 232 2.29 -12.86 -6.43
N LEU B 233 3.11 -12.97 -7.46
CA LEU B 233 4.27 -13.84 -7.45
C LEU B 233 5.33 -13.40 -6.47
N PHE B 234 5.53 -12.10 -6.29
CA PHE B 234 6.49 -11.65 -5.29
C PHE B 234 6.04 -12.06 -3.90
N GLN B 235 4.76 -11.94 -3.57
CA GLN B 235 4.29 -12.37 -2.26
C GLN B 235 4.61 -13.80 -1.98
N LYS B 236 4.45 -14.64 -3.00
CA LYS B 236 4.64 -16.08 -2.87
C LYS B 236 6.10 -16.37 -2.70
N VAL B 237 6.88 -15.81 -3.59
CA VAL B 237 8.31 -15.96 -3.54
C VAL B 237 8.88 -15.55 -2.22
N ASN B 238 8.43 -14.41 -1.68
CA ASN B 238 8.92 -13.97 -0.37
C ASN B 238 8.51 -14.88 0.77
N PHE B 239 7.30 -15.42 0.67
CA PHE B 239 6.84 -16.34 1.68
C PHE B 239 7.62 -17.63 1.64
N LEU B 240 7.87 -18.14 0.44
CA LEU B 240 8.63 -19.39 0.31
C LEU B 240 10.02 -19.25 0.86
N MET B 241 10.64 -18.10 0.62
CA MET B 241 11.94 -17.80 1.15
C MET B 241 11.87 -17.93 2.67
N GLN B 242 10.90 -17.28 3.29
CA GLN B 242 10.74 -17.37 4.72
C GLN B 242 10.53 -18.79 5.24
N ALA B 243 9.77 -19.58 4.52
CA ALA B 243 9.50 -20.95 4.95
C ALA B 243 10.76 -21.81 4.94
N ALA B 244 11.50 -21.70 3.87
CA ALA B 244 12.74 -22.42 3.69
C ALA B 244 13.66 -22.15 4.85
N MET B 245 13.83 -20.87 5.19
CA MET B 245 14.68 -20.55 6.32
C MET B 245 14.15 -21.22 7.56
N GLY B 246 12.84 -21.31 7.67
CA GLY B 246 12.25 -22.08 8.76
C GLY B 246 12.66 -23.56 8.78
N PHE B 247 12.66 -24.18 7.61
CA PHE B 247 13.01 -25.58 7.53
C PHE B 247 14.50 -25.85 7.80
N ILE B 248 15.34 -24.95 7.31
CA ILE B 248 16.74 -24.95 7.63
C ILE B 248 17.04 -24.78 9.09
N ASN B 249 16.30 -23.94 9.79
CA ASN B 249 16.51 -23.77 11.23
C ASN B 249 16.05 -24.99 11.97
N ILE B 250 15.01 -25.64 11.49
CA ILE B 250 14.53 -26.84 12.15
C ILE B 250 15.56 -27.93 11.96
N GLU B 251 16.09 -28.05 10.75
CA GLU B 251 17.12 -29.03 10.44
C GLU B 251 18.34 -28.81 11.30
N GLN B 252 18.77 -27.55 11.39
CA GLN B 252 19.90 -27.22 12.23
C GLN B 252 19.70 -27.66 13.66
N ASN B 253 18.51 -27.48 14.20
CA ASN B 253 18.23 -28.00 15.55
C ASN B 253 18.38 -29.50 15.65
N ARG B 254 18.01 -30.22 14.60
CA ARG B 254 18.10 -31.66 14.61
C ARG B 254 19.56 -32.04 14.69
N ILE B 255 20.36 -31.45 13.79
CA ILE B 255 21.80 -31.69 13.73
C ILE B 255 22.48 -31.46 15.07
N ILE B 256 22.22 -30.31 15.67
CA ILE B 256 22.83 -30.02 16.97
C ILE B 256 22.49 -31.08 18.04
N LYS B 257 21.26 -31.59 18.05
CA LYS B 257 20.91 -32.73 18.95
C LYS B 257 21.66 -34.06 18.62
N MET C 1 -32.37 -19.49 25.75
CA MET C 1 -32.49 -18.32 26.68
C MET C 1 -33.19 -17.19 25.94
N LEU C 2 -34.42 -16.93 26.31
CA LEU C 2 -35.19 -15.86 25.70
C LEU C 2 -35.44 -14.74 26.71
N SER C 3 -34.99 -13.55 26.36
CA SER C 3 -35.33 -12.34 27.13
C SER C 3 -36.05 -11.44 26.15
N ALA C 4 -36.93 -10.61 26.69
CA ALA C 4 -37.70 -9.67 25.89
C ALA C 4 -37.80 -8.36 26.63
N PHE C 5 -37.83 -7.26 25.88
CA PHE C 5 -37.88 -5.92 26.43
C PHE C 5 -38.96 -5.09 25.76
N GLN C 6 -39.51 -4.15 26.51
CA GLN C 6 -40.52 -3.24 26.00
C GLN C 6 -40.20 -1.83 26.42
N LEU C 7 -40.80 -0.87 25.74
CA LEU C 7 -40.49 0.52 25.96
C LEU C 7 -41.51 1.19 26.91
N GLU C 8 -41.03 1.97 27.87
CA GLU C 8 -41.86 2.73 28.80
C GLU C 8 -41.26 4.12 29.05
N ASN C 9 -41.71 5.12 28.29
CA ASN C 9 -41.12 6.46 28.27
C ASN C 9 -39.69 6.43 27.80
N ASN C 10 -39.49 5.86 26.63
CA ASN C 10 -38.16 5.67 26.09
C ASN C 10 -37.19 4.98 27.08
N ARG C 11 -37.68 4.03 27.87
CA ARG C 11 -36.81 3.25 28.76
C ARG C 11 -37.05 1.78 28.53
N LEU C 12 -35.98 1.04 28.30
CA LEU C 12 -36.12 -0.39 28.06
C LEU C 12 -36.37 -1.10 29.36
N THR C 13 -37.49 -1.81 29.42
CA THR C 13 -37.84 -2.56 30.63
C THR C 13 -38.05 -4.03 30.32
N ARG C 14 -37.42 -4.86 31.15
CA ARG C 14 -37.45 -6.28 30.93
C ARG C 14 -38.84 -6.84 31.15
N LEU C 15 -39.40 -7.50 30.14
CA LEU C 15 -40.63 -8.27 30.29
C LEU C 15 -40.34 -9.59 30.98
N GLU C 16 -41.35 -10.11 31.70
CA GLU C 16 -41.27 -11.43 32.31
C GLU C 16 -41.86 -12.31 31.22
N VAL C 17 -41.14 -13.37 30.86
CA VAL C 17 -41.50 -14.23 29.71
C VAL C 17 -41.90 -15.65 30.07
N GLU C 18 -41.28 -16.20 31.11
CA GLU C 18 -41.69 -17.49 31.64
C GLU C 18 -43.15 -17.45 32.07
N GLU C 19 -43.54 -16.35 32.72
CA GLU C 19 -44.92 -16.14 33.16
C GLU C 19 -45.74 -15.32 32.15
N SER C 20 -45.53 -14.00 32.10
CA SER C 20 -46.29 -13.14 31.18
C SER C 20 -45.98 -13.50 29.73
N GLN C 21 -46.90 -14.22 29.10
CA GLN C 21 -46.67 -14.79 27.78
C GLN C 21 -46.65 -13.75 26.64
N PRO C 22 -47.52 -12.71 26.69
CA PRO C 22 -47.60 -11.84 25.49
C PRO C 22 -46.27 -11.19 25.08
N LEU C 23 -45.71 -11.68 23.98
CA LEU C 23 -44.47 -11.17 23.42
C LEU C 23 -44.74 -10.02 22.48
N VAL C 24 -45.99 -9.87 22.04
CA VAL C 24 -46.33 -8.84 21.05
C VAL C 24 -45.99 -7.41 21.54
N ASN C 25 -45.94 -7.19 22.84
CA ASN C 25 -45.60 -5.89 23.39
C ASN C 25 -44.13 -5.54 23.38
N ALA C 26 -43.28 -6.48 22.99
CA ALA C 26 -41.86 -6.27 23.05
C ALA C 26 -41.35 -5.49 21.83
N VAL C 27 -40.39 -4.61 22.07
CA VAL C 27 -39.63 -3.96 21.00
C VAL C 27 -38.36 -4.74 20.65
N TRP C 28 -37.85 -5.52 21.58
CA TRP C 28 -36.59 -6.24 21.39
C TRP C 28 -36.70 -7.64 21.96
N ILE C 29 -36.46 -8.64 21.10
CA ILE C 29 -36.37 -10.01 21.55
C ILE C 29 -34.94 -10.46 21.39
N ASP C 30 -34.35 -10.98 22.46
CA ASP C 30 -32.96 -11.35 22.49
C ASP C 30 -32.84 -12.82 22.79
N LEU C 31 -32.39 -13.61 21.83
CA LEU C 31 -32.18 -15.04 22.07
C LEU C 31 -30.71 -15.44 22.17
N VAL C 32 -30.40 -16.26 23.16
CA VAL C 32 -29.05 -16.78 23.36
C VAL C 32 -29.13 -18.31 23.36
N GLU C 33 -28.53 -18.95 22.36
CA GLU C 33 -28.53 -20.41 22.25
C GLU C 33 -29.92 -20.99 22.40
N PRO C 34 -30.87 -20.50 21.61
CA PRO C 34 -32.27 -20.87 21.87
C PRO C 34 -32.63 -22.28 21.41
N ASP C 35 -33.35 -23.02 22.25
CA ASP C 35 -33.84 -24.36 21.88
C ASP C 35 -35.01 -24.20 20.90
N ASP C 36 -35.49 -25.33 20.35
CA ASP C 36 -36.54 -25.28 19.32
C ASP C 36 -37.89 -24.89 19.90
N ASP C 37 -38.03 -24.98 21.20
CA ASP C 37 -39.19 -24.40 21.88
C ASP C 37 -39.22 -22.87 21.78
N GLU C 38 -38.11 -22.23 22.10
CA GLU C 38 -38.05 -20.77 22.03
C GLU C 38 -38.14 -20.25 20.59
N ARG C 39 -37.60 -21.00 19.64
CA ARG C 39 -37.67 -20.61 18.23
C ARG C 39 -39.10 -20.68 17.73
N LEU C 40 -39.78 -21.79 18.05
CA LEU C 40 -41.18 -21.99 17.66
C LEU C 40 -42.11 -20.95 18.30
N ARG C 41 -41.77 -20.56 19.52
CA ARG C 41 -42.55 -19.56 20.22
C ARG C 41 -42.50 -18.24 19.48
N VAL C 42 -41.31 -17.83 19.10
CA VAL C 42 -41.13 -16.60 18.33
C VAL C 42 -41.79 -16.71 16.97
N GLN C 43 -41.70 -17.88 16.37
CA GLN C 43 -42.30 -18.17 15.07
C GLN C 43 -43.80 -18.00 15.10
N SER C 44 -44.46 -18.51 16.14
CA SER C 44 -45.93 -18.46 16.18
C SER C 44 -46.45 -17.12 16.74
N GLU C 45 -45.90 -16.67 17.87
CA GLU C 45 -46.37 -15.43 18.49
C GLU C 45 -46.08 -14.18 17.65
N LEU C 46 -44.92 -14.10 17.01
CA LEU C 46 -44.62 -13.05 16.03
C LEU C 46 -44.43 -13.76 14.72
N GLY C 47 -44.09 -13.06 13.65
CA GLY C 47 -44.02 -13.72 12.35
C GLY C 47 -42.68 -14.37 12.05
N GLN C 48 -41.83 -14.55 13.08
CA GLN C 48 -40.39 -14.49 12.86
C GLN C 48 -39.63 -15.79 12.79
N SER C 49 -39.16 -16.11 11.59
CA SER C 49 -38.14 -17.14 11.43
C SER C 49 -36.80 -16.54 11.76
N LEU C 50 -35.94 -17.37 12.30
CA LEU C 50 -34.64 -16.92 12.73
C LEU C 50 -33.56 -17.70 12.03
N ALA C 51 -32.43 -17.04 11.83
CA ALA C 51 -31.31 -17.67 11.16
C ALA C 51 -30.86 -18.93 11.87
N THR C 52 -30.45 -19.94 11.12
CA THR C 52 -29.94 -21.16 11.71
C THR C 52 -28.47 -21.00 12.12
N ARG C 53 -27.98 -21.96 12.89
CA ARG C 53 -26.60 -21.94 13.36
C ARG C 53 -25.58 -21.84 12.21
N PRO C 54 -25.72 -22.69 11.19
CA PRO C 54 -24.70 -22.63 10.12
C PRO C 54 -24.74 -21.36 9.27
N GLU C 55 -25.88 -20.64 9.24
CA GLU C 55 -25.99 -19.41 8.45
C GLU C 55 -25.32 -18.23 9.10
N LEU C 56 -25.02 -18.34 10.39
CA LEU C 56 -24.23 -17.29 11.06
C LEU C 56 -22.73 -17.45 10.87
N GLU C 57 -22.33 -18.51 10.19
CA GLU C 57 -20.93 -18.77 9.88
C GLU C 57 -20.53 -18.12 8.57
N ASP C 58 -21.54 -17.78 7.76
CA ASP C 58 -21.30 -17.32 6.40
C ASP C 58 -20.80 -15.89 6.46
N ILE C 59 -19.77 -15.61 5.67
CA ILE C 59 -19.03 -14.35 5.78
C ILE C 59 -19.21 -13.44 4.58
N GLU C 60 -19.68 -14.01 3.48
CA GLU C 60 -20.09 -13.27 2.26
C GLU C 60 -21.09 -12.15 2.61
N ALA C 61 -20.90 -10.98 2.00
CA ALA C 61 -21.80 -9.84 2.19
C ALA C 61 -23.25 -10.22 2.03
N SER C 62 -23.56 -10.94 0.96
CA SER C 62 -24.95 -11.29 0.68
C SER C 62 -25.57 -12.21 1.74
N ALA C 63 -24.74 -12.84 2.53
CA ALA C 63 -25.24 -13.73 3.57
C ALA C 63 -25.41 -13.02 4.88
N ARG C 64 -24.79 -11.85 5.02
CA ARG C 64 -24.77 -11.07 6.26
C ARG C 64 -25.63 -9.79 6.24
N PHE C 65 -25.68 -9.08 5.12
CA PHE C 65 -26.41 -7.81 5.03
C PHE C 65 -27.40 -7.92 3.88
N PHE C 66 -28.68 -8.12 4.23
CA PHE C 66 -29.71 -8.36 3.23
C PHE C 66 -31.12 -8.13 3.77
N GLU C 67 -32.08 -7.90 2.86
CA GLU C 67 -33.49 -7.66 3.15
C GLU C 67 -34.32 -8.74 2.51
N ASP C 68 -35.34 -9.24 3.20
CA ASP C 68 -36.23 -10.23 2.59
C ASP C 68 -37.57 -10.22 3.29
N ASP C 69 -38.42 -11.20 3.03
CA ASP C 69 -39.75 -11.22 3.65
C ASP C 69 -39.72 -11.31 5.17
N ASP C 70 -38.63 -11.85 5.73
CA ASP C 70 -38.46 -11.89 7.17
C ASP C 70 -37.82 -10.63 7.75
N GLY C 71 -37.53 -9.63 6.93
CA GLY C 71 -37.17 -8.32 7.44
C GLY C 71 -35.82 -7.86 6.98
N LEU C 72 -35.24 -6.95 7.74
CA LEU C 72 -33.91 -6.45 7.48
C LEU C 72 -32.87 -7.17 8.38
N HIS C 73 -31.86 -7.79 7.75
CA HIS C 73 -30.88 -8.58 8.47
C HIS C 73 -29.51 -7.94 8.47
N ILE C 74 -28.88 -7.93 9.64
CA ILE C 74 -27.48 -7.55 9.75
C ILE C 74 -26.78 -8.59 10.63
N HIS C 75 -25.80 -9.30 10.09
CA HIS C 75 -24.99 -10.20 10.92
C HIS C 75 -23.67 -9.50 11.19
N SER C 76 -23.31 -9.33 12.44
CA SER C 76 -22.08 -8.64 12.76
C SER C 76 -21.22 -9.39 13.80
N PHE C 77 -19.90 -9.36 13.63
CA PHE C 77 -18.97 -9.94 14.63
C PHE C 77 -18.99 -9.08 15.87
N PHE C 78 -19.02 -9.74 17.03
CA PHE C 78 -18.86 -9.11 18.32
C PHE C 78 -17.67 -9.75 19.05
N PHE C 79 -16.92 -8.94 19.79
CA PHE C 79 -15.64 -9.35 20.35
C PHE C 79 -15.85 -9.96 21.73
N PHE C 80 -15.10 -11.00 22.07
CA PHE C 80 -15.23 -11.59 23.41
C PHE C 80 -13.98 -12.41 23.75
N GLU C 81 -13.91 -12.84 24.99
CA GLU C 81 -12.80 -13.62 25.47
C GLU C 81 -13.34 -14.92 26.00
N ASP C 82 -12.82 -16.04 25.53
CA ASP C 82 -13.32 -17.33 25.96
C ASP C 82 -12.80 -17.67 27.37
N ALA C 83 -13.15 -18.85 27.85
CA ALA C 83 -12.87 -19.21 29.22
C ALA C 83 -11.40 -19.11 29.59
N GLU C 84 -10.51 -19.35 28.64
CA GLU C 84 -9.07 -19.34 28.90
C GLU C 84 -8.38 -18.05 28.46
N ASP C 85 -9.14 -16.95 28.44
CA ASP C 85 -8.63 -15.61 28.11
C ASP C 85 -8.10 -15.49 26.71
N HIS C 86 -8.73 -16.17 25.78
CA HIS C 86 -8.34 -16.07 24.40
C HIS C 86 -9.38 -15.33 23.55
N ALA C 87 -8.92 -14.32 22.81
CA ALA C 87 -9.83 -13.46 22.07
C ALA C 87 -10.59 -14.20 20.97
N GLY C 88 -11.80 -13.74 20.67
CA GLY C 88 -12.61 -14.29 19.61
C GLY C 88 -13.64 -13.31 19.10
N ASN C 89 -14.25 -13.66 17.98
CA ASN C 89 -15.36 -12.91 17.42
C ASN C 89 -16.57 -13.81 17.27
N SER C 90 -17.68 -13.46 17.87
CA SER C 90 -18.94 -14.23 17.73
C SER C 90 -19.95 -13.48 16.90
N THR C 91 -20.52 -14.14 15.90
CA THR C 91 -21.49 -13.51 15.02
C THR C 91 -22.85 -13.41 15.67
N VAL C 92 -23.47 -12.24 15.52
CA VAL C 92 -24.79 -11.96 16.10
C VAL C 92 -25.68 -11.57 14.95
N ALA C 93 -26.84 -12.18 14.88
CA ALA C 93 -27.79 -11.89 13.82
C ALA C 93 -28.83 -10.92 14.29
N PHE C 94 -28.79 -9.71 13.73
CA PHE C 94 -29.78 -8.69 14.00
C PHE C 94 -30.85 -8.74 12.94
N THR C 95 -32.11 -8.74 13.35
CA THR C 95 -33.23 -8.63 12.40
C THR C 95 -34.23 -7.60 12.86
N ILE C 96 -34.64 -6.75 11.94
CA ILE C 96 -35.65 -5.75 12.25
C ILE C 96 -36.83 -5.99 11.34
N ARG C 97 -38.00 -6.07 11.95
CA ARG C 97 -39.24 -6.27 11.23
C ARG C 97 -40.43 -5.76 12.04
N ASP C 98 -41.27 -4.95 11.39
CA ASP C 98 -42.43 -4.35 12.04
C ASP C 98 -42.02 -3.64 13.33
N GLY C 99 -40.99 -2.79 13.26
CA GLY C 99 -40.57 -1.99 14.41
C GLY C 99 -40.00 -2.76 15.60
N ARG C 100 -39.76 -4.06 15.45
CA ARG C 100 -39.16 -4.89 16.49
C ARG C 100 -37.77 -5.39 16.09
N LEU C 101 -36.87 -5.42 17.05
CA LEU C 101 -35.51 -5.94 16.86
C LEU C 101 -35.39 -7.33 17.42
N PHE C 102 -34.83 -8.24 16.64
CA PHE C 102 -34.51 -9.59 17.13
C PHE C 102 -33.00 -9.77 17.10
N THR C 103 -32.42 -10.20 18.22
CA THR C 103 -31.02 -10.54 18.24
C THR C 103 -30.91 -11.99 18.54
N LEU C 104 -30.14 -12.69 17.73
CA LEU C 104 -29.88 -14.10 17.95
C LEU C 104 -28.38 -14.32 18.07
N ARG C 105 -27.96 -14.92 19.16
CA ARG C 105 -26.52 -15.12 19.40
C ARG C 105 -26.18 -16.47 20.03
N GLU C 106 -24.94 -16.92 19.81
CA GLU C 106 -24.44 -18.19 20.36
C GLU C 106 -24.04 -18.12 21.81
N ARG C 107 -23.85 -16.94 22.37
CA ARG C 107 -23.25 -16.83 23.70
C ARG C 107 -23.49 -15.48 24.32
N GLU C 108 -23.24 -15.40 25.62
CA GLU C 108 -23.21 -14.13 26.32
C GLU C 108 -22.09 -13.27 25.77
N LEU C 109 -22.28 -11.95 25.81
CA LEU C 109 -21.32 -11.03 25.24
C LEU C 109 -21.21 -9.79 26.06
N PRO C 110 -19.99 -9.23 26.19
CA PRO C 110 -19.85 -8.11 27.08
C PRO C 110 -20.58 -6.82 26.63
N ALA C 111 -20.69 -6.58 25.32
CA ALA C 111 -21.44 -5.37 24.83
C ALA C 111 -22.89 -5.47 25.24
N PHE C 112 -23.48 -6.65 25.12
CA PHE C 112 -24.87 -6.84 25.48
C PHE C 112 -25.10 -6.70 26.97
N ARG C 113 -24.24 -7.31 27.77
CA ARG C 113 -24.34 -7.21 29.24
C ARG C 113 -24.25 -5.75 29.62
N LEU C 114 -23.33 -5.02 28.99
CA LEU C 114 -23.11 -3.62 29.31
C LEU C 114 -24.27 -2.77 28.87
N TYR C 115 -24.73 -2.97 27.66
CA TYR C 115 -25.91 -2.21 27.21
C TYR C 115 -27.11 -2.40 28.14
N ARG C 116 -27.35 -3.63 28.57
CA ARG C 116 -28.49 -3.96 29.40
C ARG C 116 -28.37 -3.34 30.77
N MET C 117 -27.18 -3.37 31.36
CA MET C 117 -26.98 -2.68 32.65
C MET C 117 -27.41 -1.21 32.57
N ARG C 118 -26.90 -0.52 31.56
CA ARG C 118 -27.19 0.88 31.33
C ARG C 118 -28.61 1.14 30.98
N ALA C 119 -29.20 0.22 30.23
CA ALA C 119 -30.58 0.38 29.73
C ALA C 119 -31.56 0.47 30.87
N ARG C 120 -31.19 -0.16 31.97
CA ARG C 120 -31.75 0.08 33.24
C ARG C 120 -31.12 1.45 33.41
N SER C 121 -31.98 2.39 33.73
CA SER C 121 -31.56 3.73 34.13
C SER C 121 -30.95 4.69 33.10
N GLN C 122 -31.55 4.72 31.92
CA GLN C 122 -31.11 5.61 30.84
C GLN C 122 -32.14 5.63 29.73
N SER C 123 -32.58 6.82 29.37
CA SER C 123 -33.64 6.96 28.38
C SER C 123 -33.07 6.89 26.98
N MET C 124 -33.81 6.28 26.07
CA MET C 124 -33.52 6.37 24.66
C MET C 124 -34.07 7.69 24.17
N VAL C 125 -33.76 8.05 22.94
CA VAL C 125 -34.21 9.32 22.38
C VAL C 125 -35.52 9.15 21.57
N ASP C 126 -35.42 8.58 20.36
CA ASP C 126 -36.55 8.34 19.49
C ASP C 126 -37.30 7.04 19.86
N GLY C 127 -36.58 6.10 20.45
CA GLY C 127 -37.19 4.91 21.02
C GLY C 127 -37.67 3.92 20.00
N ASN C 128 -36.75 3.32 19.25
CA ASN C 128 -37.12 2.36 18.22
C ASN C 128 -36.03 1.37 17.92
N ALA C 129 -36.42 0.31 17.22
CA ALA C 129 -35.53 -0.78 16.85
C ALA C 129 -34.20 -0.33 16.24
N TYR C 130 -34.22 0.69 15.39
CA TYR C 130 -33.02 1.14 14.71
C TYR C 130 -32.12 1.84 15.69
N GLU C 131 -32.67 2.68 16.56
CA GLU C 131 -31.84 3.34 17.58
C GLU C 131 -31.19 2.27 18.42
N LEU C 132 -31.95 1.23 18.73
CA LEU C 132 -31.52 0.17 19.64
C LEU C 132 -30.34 -0.64 19.07
N LEU C 133 -30.45 -0.99 17.80
CA LEU C 133 -29.38 -1.62 17.08
C LEU C 133 -28.13 -0.76 17.02
N LEU C 134 -28.28 0.50 16.71
CA LEU C 134 -27.12 1.38 16.72
C LEU C 134 -26.53 1.57 18.14
N ASP C 135 -27.36 1.53 19.19
CA ASP C 135 -26.86 1.65 20.56
C ASP C 135 -25.96 0.47 20.88
N LEU C 136 -26.36 -0.73 20.45
CA LEU C 136 -25.55 -1.91 20.63
C LEU C 136 -24.23 -1.78 19.89
N PHE C 137 -24.24 -1.17 18.70
CA PHE C 137 -23.01 -0.93 17.96
C PHE C 137 -22.12 0.12 18.63
N GLU C 138 -22.72 1.23 19.09
CA GLU C 138 -21.97 2.24 19.86
C GLU C 138 -21.21 1.58 20.99
N THR C 139 -21.88 0.69 21.71
CA THR C 139 -21.33 0.00 22.84
C THR C 139 -20.17 -0.90 22.42
N LYS C 140 -20.40 -1.70 21.37
CA LYS C 140 -19.35 -2.49 20.79
C LYS C 140 -18.13 -1.65 20.45
N ILE C 141 -18.30 -0.52 19.78
CA ILE C 141 -17.13 0.30 19.44
C ILE C 141 -16.41 0.84 20.68
N GLU C 142 -17.18 1.28 21.66
CA GLU C 142 -16.58 1.74 22.91
C GLU C 142 -15.62 0.70 23.51
N GLN C 143 -15.96 -0.58 23.34
CA GLN C 143 -15.22 -1.66 23.95
C GLN C 143 -14.05 -2.00 23.11
N LEU C 144 -14.20 -2.04 21.79
CA LEU C 144 -13.03 -2.19 20.93
C LEU C 144 -11.97 -1.10 21.14
N ALA C 145 -12.41 0.10 21.47
CA ALA C 145 -11.47 1.20 21.70
C ALA C 145 -10.70 0.98 22.98
N ASP C 146 -11.39 0.42 23.97
CA ASP C 146 -10.75 0.06 25.20
C ASP C 146 -9.68 -1.03 24.96
N GLU C 147 -10.03 -2.05 24.17
CA GLU C 147 -9.09 -3.09 23.83
C GLU C 147 -7.84 -2.53 23.23
N ILE C 148 -8.01 -1.61 22.29
CA ILE C 148 -6.86 -1.04 21.63
C ILE C 148 -6.03 -0.23 22.62
N GLU C 149 -6.70 0.58 23.42
CA GLU C 149 -6.03 1.34 24.47
C GLU C 149 -5.16 0.42 25.30
N ASN C 150 -5.62 -0.78 25.56
CA ASN C 150 -4.85 -1.69 26.39
C ASN C 150 -3.72 -2.38 25.70
N ILE C 151 -3.89 -2.68 24.41
CA ILE C 151 -2.78 -3.21 23.65
C ILE C 151 -1.66 -2.18 23.68
N TYR C 152 -1.99 -0.90 23.60
CA TYR C 152 -0.94 0.10 23.68
C TYR C 152 -0.12 0.02 24.95
N SER C 153 -0.75 0.01 26.11
CA SER C 153 0.01 0.04 27.37
C SER C 153 0.76 -1.23 27.63
N ASP C 154 0.22 -2.36 27.17
CA ASP C 154 0.88 -3.65 27.31
C ASP C 154 2.09 -3.76 26.42
N LEU C 155 1.96 -3.20 25.22
CA LEU C 155 3.04 -3.18 24.26
C LEU C 155 4.16 -2.24 24.72
N GLU C 156 3.78 -1.18 25.42
CA GLU C 156 4.72 -0.26 26.01
C GLU C 156 5.61 -0.97 27.03
N GLN C 157 4.99 -1.73 27.93
CA GLN C 157 5.73 -2.47 28.94
C GLN C 157 6.59 -3.52 28.29
N LEU C 158 6.00 -4.28 27.39
CA LEU C 158 6.69 -5.35 26.72
C LEU C 158 7.86 -4.85 25.89
N SER C 159 7.71 -3.68 25.28
CA SER C 159 8.84 -3.07 24.60
C SER C 159 10.07 -2.96 25.50
N ARG C 160 9.87 -2.61 26.77
CA ARG C 160 11.00 -2.43 27.67
C ARG C 160 11.62 -3.76 28.07
N VAL C 161 10.79 -4.77 28.28
CA VAL C 161 11.30 -6.11 28.58
C VAL C 161 12.23 -6.58 27.48
N ILE C 162 11.86 -6.28 26.24
CA ILE C 162 12.63 -6.73 25.09
C ILE C 162 13.98 -6.00 24.94
N MET C 163 14.09 -4.76 25.41
CA MET C 163 15.42 -4.09 25.39
C MET C 163 16.52 -4.59 26.40
N GLN C 167 18.22 -13.68 30.99
CA GLN C 167 18.89 -13.87 29.69
C GLN C 167 17.86 -14.01 28.58
N GLY C 168 16.76 -14.76 28.73
CA GLY C 168 16.31 -15.45 29.94
C GLY C 168 15.17 -16.46 29.72
N ASP C 169 14.49 -16.85 30.82
CA ASP C 169 13.03 -17.22 30.82
C ASP C 169 12.07 -16.01 30.51
N GLU C 170 12.57 -14.78 30.69
CA GLU C 170 11.85 -13.57 30.31
C GLU C 170 11.55 -13.46 28.80
N TYR C 171 12.24 -14.25 27.96
CA TYR C 171 12.07 -14.15 26.49
C TYR C 171 11.10 -15.12 25.85
N ASP C 172 11.01 -16.34 26.34
CA ASP C 172 9.89 -17.18 25.97
C ASP C 172 8.58 -16.44 26.24
N GLU C 173 8.53 -15.82 27.43
CA GLU C 173 7.36 -15.11 27.90
C GLU C 173 7.05 -13.88 27.06
N ALA C 174 8.09 -13.26 26.53
CA ALA C 174 7.93 -12.05 25.76
C ALA C 174 7.30 -12.33 24.41
N LEU C 175 7.78 -13.37 23.72
CA LEU C 175 7.21 -13.74 22.43
C LEU C 175 5.79 -14.18 22.57
N SER C 176 5.49 -14.93 23.61
CA SER C 176 4.09 -15.29 23.89
C SER C 176 3.20 -14.10 24.05
N THR C 177 3.66 -13.11 24.82
CA THR C 177 2.90 -11.90 25.04
C THR C 177 2.68 -11.19 23.73
N LEU C 178 3.76 -10.95 22.98
CA LEU C 178 3.63 -10.38 21.64
C LEU C 178 2.59 -11.07 20.79
N ALA C 179 2.68 -12.39 20.74
CA ALA C 179 1.74 -13.16 19.95
C ALA C 179 0.30 -13.04 20.43
N GLU C 180 0.09 -12.87 21.72
CA GLU C 180 -1.23 -12.67 22.27
C GLU C 180 -1.76 -11.28 21.88
N LEU C 181 -0.92 -10.27 21.93
CA LEU C 181 -1.30 -8.93 21.54
C LEU C 181 -1.55 -8.80 20.03
N GLU C 182 -0.81 -9.53 19.20
CA GLU C 182 -1.05 -9.50 17.79
C GLU C 182 -2.46 -10.07 17.56
N ASP C 183 -2.74 -11.19 18.20
CA ASP C 183 -4.01 -11.85 17.99
C ASP C 183 -5.21 -11.00 18.38
N ILE C 184 -5.09 -10.23 19.45
CA ILE C 184 -6.17 -9.40 19.88
C ILE C 184 -6.38 -8.31 18.86
N GLY C 185 -5.31 -7.65 18.48
CA GLY C 185 -5.42 -6.59 17.48
C GLY C 185 -6.08 -7.10 16.21
N TRP C 186 -5.70 -8.29 15.83
CA TRP C 186 -6.17 -8.88 14.59
C TRP C 186 -7.64 -9.09 14.68
N LYS C 187 -8.09 -9.65 15.78
CA LYS C 187 -9.50 -9.87 15.96
C LYS C 187 -10.27 -8.59 16.13
N VAL C 188 -9.69 -7.61 16.81
CA VAL C 188 -10.30 -6.30 16.89
C VAL C 188 -10.51 -5.72 15.48
N ARG C 189 -9.50 -5.79 14.63
CA ARG C 189 -9.68 -5.30 13.29
C ARG C 189 -10.82 -5.98 12.58
N LEU C 190 -10.97 -7.30 12.71
CA LEU C 190 -12.04 -8.02 11.98
C LEU C 190 -13.36 -7.51 12.45
N CYS C 191 -13.43 -7.34 13.74
CA CYS C 191 -14.62 -6.79 14.33
C CYS C 191 -14.99 -5.39 13.76
N LEU C 192 -14.03 -4.48 13.69
CA LEU C 192 -14.24 -3.14 13.14
C LEU C 192 -14.62 -3.15 11.67
N MET C 193 -13.86 -3.87 10.85
CA MET C 193 -14.11 -3.90 9.42
C MET C 193 -15.51 -4.36 9.08
N ASP C 194 -16.02 -5.28 9.89
CA ASP C 194 -17.33 -5.88 9.67
C ASP C 194 -18.44 -4.91 10.09
N THR C 195 -18.25 -4.28 11.24
CA THR C 195 -19.19 -3.29 11.69
C THR C 195 -19.25 -2.17 10.67
N GLN C 196 -18.10 -1.81 10.13
CA GLN C 196 -18.09 -0.78 9.12
C GLN C 196 -18.91 -1.15 7.92
N ARG C 197 -18.85 -2.40 7.48
CA ARG C 197 -19.62 -2.88 6.33
C ARG C 197 -21.10 -2.84 6.66
N ALA C 198 -21.43 -3.24 7.88
CA ALA C 198 -22.80 -3.25 8.33
C ALA C 198 -23.40 -1.87 8.31
N LEU C 199 -22.71 -0.91 8.92
CA LEU C 199 -23.16 0.46 8.96
C LEU C 199 -23.24 1.11 7.58
N ASN C 200 -22.30 0.82 6.69
CA ASN C 200 -22.46 1.32 5.33
C ASN C 200 -23.72 0.77 4.67
N PHE C 201 -24.01 -0.50 4.93
CA PHE C 201 -25.18 -1.13 4.36
C PHE C 201 -26.43 -0.42 4.82
N LEU C 202 -26.56 -0.15 6.12
CA LEU C 202 -27.76 0.47 6.67
C LEU C 202 -27.99 1.87 6.19
N VAL C 203 -26.92 2.58 5.96
CA VAL C 203 -27.03 3.94 5.59
C VAL C 203 -27.70 4.02 4.22
N ARG C 204 -27.43 3.05 3.37
CA ARG C 204 -27.97 3.04 2.01
C ARG C 204 -29.35 2.37 1.91
N LYS C 205 -29.65 1.48 2.85
CA LYS C 205 -30.79 0.57 2.77
C LYS C 205 -31.97 1.00 3.64
N ALA C 206 -31.86 0.98 4.97
CA ALA C 206 -32.99 1.36 5.80
C ALA C 206 -33.35 2.82 5.57
N ARG C 207 -34.65 3.09 5.54
CA ARG C 207 -35.19 4.43 5.78
C ARG C 207 -34.92 4.79 7.26
N LEU C 208 -33.67 5.02 7.61
CA LEU C 208 -33.30 5.37 8.96
C LEU C 208 -33.88 6.75 9.30
N PRO C 209 -34.63 6.86 10.40
CA PRO C 209 -34.99 8.22 10.84
C PRO C 209 -33.74 9.11 10.98
N GLY C 210 -33.84 10.40 10.66
CA GLY C 210 -32.69 11.30 10.65
C GLY C 210 -31.80 11.32 11.90
N GLY C 211 -32.39 11.09 13.08
CA GLY C 211 -31.63 11.04 14.34
C GLY C 211 -30.70 9.82 14.34
N GLN C 212 -31.23 8.72 13.81
CA GLN C 212 -30.46 7.49 13.61
C GLN C 212 -29.36 7.67 12.57
N LEU C 213 -29.62 8.42 11.52
CA LEU C 213 -28.63 8.58 10.49
C LEU C 213 -27.39 9.27 11.04
N GLU C 214 -27.56 10.34 11.79
CA GLU C 214 -26.41 11.01 12.40
C GLU C 214 -25.65 10.05 13.33
N GLN C 215 -26.40 9.25 14.09
CA GLN C 215 -25.84 8.29 15.01
C GLN C 215 -24.95 7.30 14.30
N ALA C 216 -25.45 6.75 13.20
CA ALA C 216 -24.70 5.82 12.37
C ALA C 216 -23.46 6.48 11.82
N ARG C 217 -23.59 7.70 11.34
CA ARG C 217 -22.42 8.42 10.86
C ARG C 217 -21.38 8.66 11.96
N GLU C 218 -21.80 9.01 13.16
CA GLU C 218 -20.88 9.14 14.28
C GLU C 218 -20.09 7.85 14.52
N ILE C 219 -20.78 6.72 14.48
CA ILE C 219 -20.15 5.44 14.68
C ILE C 219 -19.17 5.18 13.56
N LEU C 220 -19.54 5.46 12.31
CA LEU C 220 -18.62 5.26 11.19
C LEU C 220 -17.37 6.10 11.34
N ARG C 221 -17.54 7.31 11.85
CA ARG C 221 -16.43 8.24 12.07
C ARG C 221 -15.49 7.69 13.10
N ASP C 222 -16.03 6.99 14.10
CA ASP C 222 -15.19 6.39 15.16
C ASP C 222 -14.38 5.23 14.62
N ILE C 223 -15.00 4.39 13.80
CA ILE C 223 -14.30 3.30 13.17
C ILE C 223 -13.20 3.83 12.30
N GLU C 224 -13.49 4.83 11.48
CA GLU C 224 -12.47 5.43 10.64
C GLU C 224 -11.31 5.88 11.52
N SER C 225 -11.59 6.26 12.76
CA SER C 225 -10.51 6.75 13.63
C SER C 225 -9.80 5.67 14.42
N LEU C 226 -10.35 4.47 14.50
CA LEU C 226 -9.70 3.39 15.24
C LEU C 226 -8.87 2.51 14.35
N LEU C 227 -9.30 2.31 13.09
CA LEU C 227 -8.58 1.42 12.18
C LEU C 227 -7.10 1.79 12.03
N PRO C 228 -6.81 3.05 11.84
CA PRO C 228 -5.37 3.41 11.80
C PRO C 228 -4.56 2.99 13.03
N HIS C 229 -5.16 3.08 14.21
CA HIS C 229 -4.50 2.64 15.44
C HIS C 229 -4.18 1.20 15.37
N ASN C 230 -5.12 0.44 14.82
CA ASN C 230 -4.91 -0.99 14.64
C ASN C 230 -3.70 -1.23 13.79
N GLU C 231 -3.58 -0.52 12.69
CA GLU C 231 -2.48 -0.79 11.76
C GLU C 231 -1.14 -0.41 12.39
N SER C 232 -1.16 0.59 13.24
CA SER C 232 0.01 1.11 13.92
C SER C 232 0.58 0.11 14.88
N LEU C 233 -0.29 -0.62 15.57
CA LEU C 233 0.14 -1.68 16.45
C LEU C 233 0.80 -2.85 15.72
N PHE C 234 0.31 -3.24 14.53
CA PHE C 234 0.93 -4.34 13.81
C PHE C 234 2.36 -3.96 13.45
N GLN C 235 2.60 -2.73 13.01
CA GLN C 235 3.97 -2.32 12.69
C GLN C 235 4.91 -2.46 13.85
N LYS C 236 4.44 -2.12 15.04
CA LYS C 236 5.23 -2.18 16.26
C LYS C 236 5.48 -3.61 16.65
N VAL C 237 4.40 -4.37 16.67
CA VAL C 237 4.50 -5.79 16.96
C VAL C 237 5.47 -6.54 16.06
N ASN C 238 5.40 -6.28 14.76
CA ASN C 238 6.33 -6.92 13.82
C ASN C 238 7.76 -6.51 14.01
N PHE C 239 7.97 -5.24 14.34
CA PHE C 239 9.29 -4.77 14.60
C PHE C 239 9.85 -5.42 15.85
N LEU C 240 9.06 -5.50 16.91
CA LEU C 240 9.53 -6.06 18.17
C LEU C 240 9.91 -7.50 17.99
N MET C 241 9.13 -8.21 17.19
CA MET C 241 9.42 -9.58 16.86
C MET C 241 10.81 -9.63 16.23
N GLN C 242 11.05 -8.79 15.25
CA GLN C 242 12.37 -8.75 14.62
C GLN C 242 13.51 -8.43 15.58
N ALA C 243 13.28 -7.51 16.48
CA ALA C 243 14.32 -7.12 17.43
C ALA C 243 14.71 -8.28 18.36
N ALA C 244 13.69 -8.92 18.90
CA ALA C 244 13.86 -10.05 19.78
C ALA C 244 14.73 -11.11 19.11
N MET C 245 14.41 -11.46 17.88
CA MET C 245 15.23 -12.43 17.17
C MET C 245 16.65 -11.92 17.09
N GLY C 246 16.81 -10.62 16.91
CA GLY C 246 18.14 -10.05 16.94
C GLY C 246 18.86 -10.32 18.25
N PHE C 247 18.15 -10.13 19.36
CA PHE C 247 18.77 -10.29 20.65
C PHE C 247 19.11 -11.74 20.98
N ILE C 248 18.22 -12.63 20.59
CA ILE C 248 18.46 -14.06 20.66
C ILE C 248 19.66 -14.50 19.85
N ASN C 249 19.88 -13.94 18.67
CA ASN C 249 21.05 -14.31 17.88
C ASN C 249 22.32 -13.78 18.50
N ILE C 250 22.22 -12.61 19.13
CA ILE C 250 23.37 -12.03 19.78
C ILE C 250 23.72 -12.87 20.97
N GLU C 251 22.71 -13.27 21.73
CA GLU C 251 22.89 -14.14 22.89
C GLU C 251 23.51 -15.46 22.49
N GLN C 252 22.98 -16.07 21.43
CA GLN C 252 23.54 -17.31 20.92
C GLN C 252 25.02 -17.19 20.56
N ASN C 253 25.41 -16.08 19.94
CA ASN C 253 26.84 -15.83 19.71
C ASN C 253 27.66 -15.74 20.99
N ARG C 254 27.09 -15.18 22.06
CA ARG C 254 27.81 -15.08 23.33
C ARG C 254 28.06 -16.48 23.85
N ILE C 255 26.99 -17.27 23.92
CA ILE C 255 27.04 -18.66 24.38
C ILE C 255 28.11 -19.45 23.67
N ILE C 256 28.09 -19.42 22.34
CA ILE C 256 29.05 -20.21 21.56
C ILE C 256 30.48 -19.83 21.93
N LYS C 257 30.76 -18.54 22.16
CA LYS C 257 32.09 -18.11 22.62
C LYS C 257 32.45 -18.61 24.03
N MET D 1 -1.47 23.17 39.43
CA MET D 1 -0.70 24.32 38.89
C MET D 1 -1.57 25.11 37.93
N LEU D 2 -2.01 26.28 38.35
CA LEU D 2 -2.87 27.10 37.55
C LEU D 2 -2.11 28.35 37.12
N SER D 3 -2.03 28.56 35.81
CA SER D 3 -1.54 29.79 35.25
C SER D 3 -2.65 30.37 34.42
N ALA D 4 -2.68 31.69 34.30
CA ALA D 4 -3.70 32.37 33.53
C ALA D 4 -3.06 33.53 32.80
N PHE D 5 -3.58 33.82 31.61
CA PHE D 5 -3.03 34.85 30.74
C PHE D 5 -4.13 35.73 30.22
N GLN D 6 -3.79 36.98 29.96
CA GLN D 6 -4.73 37.96 29.40
C GLN D 6 -4.05 38.73 28.28
N LEU D 7 -4.86 39.37 27.46
CA LEU D 7 -4.35 40.05 26.28
C LEU D 7 -4.16 41.56 26.50
N GLU D 8 -3.02 42.10 26.06
CA GLU D 8 -2.72 43.54 26.17
C GLU D 8 -1.99 44.01 24.90
N ASN D 9 -2.76 44.54 23.94
CA ASN D 9 -2.25 44.86 22.60
C ASN D 9 -1.75 43.63 21.88
N ASN D 10 -2.62 42.63 21.80
CA ASN D 10 -2.25 41.36 21.21
C ASN D 10 -0.95 40.76 21.81
N ARG D 11 -0.73 40.96 23.10
CA ARG D 11 0.41 40.32 23.78
C ARG D 11 -0.08 39.55 24.98
N LEU D 12 0.32 38.28 25.06
CA LEU D 12 -0.11 37.45 26.17
C LEU D 12 0.69 37.85 27.39
N THR D 13 -0.01 38.28 28.44
CA THR D 13 0.66 38.67 29.69
C THR D 13 0.15 37.85 30.87
N ARG D 14 1.09 37.32 31.64
CA ARG D 14 0.79 36.39 32.69
C ARG D 14 0.09 37.13 33.82
N LEU D 15 -1.12 36.69 34.14
CA LEU D 15 -1.83 37.20 35.31
C LEU D 15 -1.22 36.60 36.56
N GLU D 16 -1.31 37.32 37.66
CA GLU D 16 -0.93 36.80 38.96
C GLU D 16 -2.23 36.21 39.48
N VAL D 17 -2.17 34.96 39.91
CA VAL D 17 -3.39 34.20 40.30
C VAL D 17 -3.48 33.85 41.78
N GLU D 18 -2.34 33.59 42.40
CA GLU D 18 -2.29 33.39 43.84
C GLU D 18 -2.82 34.63 44.55
N GLU D 19 -2.44 35.82 44.07
CA GLU D 19 -2.91 37.09 44.63
C GLU D 19 -4.14 37.66 43.89
N SER D 20 -3.93 38.23 42.69
CA SER D 20 -5.04 38.81 41.90
C SER D 20 -6.03 37.71 41.49
N GLN D 21 -7.16 37.65 42.21
CA GLN D 21 -8.12 36.57 42.06
C GLN D 21 -8.92 36.61 40.75
N PRO D 22 -9.32 37.81 40.25
CA PRO D 22 -10.22 37.79 39.07
C PRO D 22 -9.67 37.04 37.85
N LEU D 23 -10.24 35.88 37.59
CA LEU D 23 -9.88 35.05 36.44
C LEU D 23 -10.68 35.45 35.21
N VAL D 24 -11.77 36.19 35.40
CA VAL D 24 -12.66 36.54 34.29
C VAL D 24 -11.94 37.32 33.17
N ASN D 25 -10.85 38.00 33.52
CA ASN D 25 -10.09 38.75 32.52
C ASN D 25 -9.17 37.91 31.64
N ALA D 26 -9.06 36.63 31.91
CA ALA D 26 -8.12 35.79 31.20
C ALA D 26 -8.70 35.32 29.88
N VAL D 27 -7.85 35.27 28.87
CA VAL D 27 -8.16 34.62 27.59
C VAL D 27 -7.75 33.13 27.59
N TRP D 28 -6.76 32.78 28.41
CA TRP D 28 -6.21 31.43 28.42
C TRP D 28 -5.98 30.99 29.87
N ILE D 29 -6.59 29.87 30.25
CA ILE D 29 -6.30 29.25 31.52
C ILE D 29 -5.60 27.92 31.23
N ASP D 30 -4.45 27.73 31.86
CA ASP D 30 -3.60 26.58 31.61
C ASP D 30 -3.40 25.80 32.89
N LEU D 31 -3.98 24.60 32.98
CA LEU D 31 -3.82 23.78 34.17
C LEU D 31 -2.88 22.62 33.96
N VAL D 32 -1.99 22.42 34.92
CA VAL D 32 -1.09 21.28 34.94
C VAL D 32 -1.30 20.48 36.25
N GLU D 33 -1.79 19.23 36.14
CA GLU D 33 -2.04 18.37 37.29
C GLU D 33 -2.80 19.10 38.36
N PRO D 34 -3.95 19.68 38.01
CA PRO D 34 -4.63 20.54 38.96
C PRO D 34 -5.33 19.79 40.09
N ASP D 35 -5.17 20.29 41.32
CA ASP D 35 -5.88 19.82 42.52
C ASP D 35 -7.37 20.12 42.40
N ASP D 36 -8.20 19.56 43.29
CA ASP D 36 -9.65 19.83 43.25
C ASP D 36 -9.98 21.26 43.69
N ASP D 37 -9.04 21.91 44.36
CA ASP D 37 -9.16 23.35 44.62
C ASP D 37 -9.09 24.18 43.33
N GLU D 38 -8.11 23.93 42.48
CA GLU D 38 -7.98 24.65 41.22
C GLU D 38 -9.11 24.33 40.24
N ARG D 39 -9.61 23.10 40.25
CA ARG D 39 -10.72 22.71 39.39
C ARG D 39 -11.99 23.43 39.82
N LEU D 40 -12.27 23.42 41.12
CA LEU D 40 -13.45 24.07 41.70
C LEU D 40 -13.41 25.58 41.46
N ARG D 41 -12.21 26.14 41.50
CA ARG D 41 -12.02 27.56 41.27
C ARG D 41 -12.46 27.92 39.86
N VAL D 42 -11.99 27.16 38.88
CA VAL D 42 -12.37 27.36 37.50
C VAL D 42 -13.86 27.12 37.31
N GLN D 43 -14.38 26.11 38.00
CA GLN D 43 -15.81 25.77 37.95
C GLN D 43 -16.68 26.92 38.41
N SER D 44 -16.33 27.56 39.52
CA SER D 44 -17.17 28.61 40.06
C SER D 44 -16.92 29.98 39.40
N GLU D 45 -15.65 30.38 39.26
CA GLU D 45 -15.33 31.68 38.68
C GLU D 45 -15.69 31.80 37.19
N LEU D 46 -15.46 30.74 36.42
CA LEU D 46 -15.97 30.65 35.04
C LEU D 46 -16.95 29.50 35.01
N GLY D 47 -17.54 29.19 33.87
CA GLY D 47 -18.59 28.17 33.86
C GLY D 47 -18.07 26.75 33.75
N GLN D 48 -16.76 26.56 33.97
CA GLN D 48 -16.05 25.50 33.26
C GLN D 48 -15.77 24.20 34.02
N SER D 49 -16.45 23.14 33.60
CA SER D 49 -16.07 21.79 33.98
C SER D 49 -14.94 21.38 33.09
N LEU D 50 -14.06 20.57 33.66
CA LEU D 50 -12.90 20.12 32.94
C LEU D 50 -12.88 18.62 32.88
N ALA D 51 -12.32 18.10 31.79
CA ALA D 51 -12.25 16.66 31.59
C ALA D 51 -11.52 15.97 32.72
N THR D 52 -11.99 14.78 33.07
CA THR D 52 -11.35 14.01 34.11
C THR D 52 -10.16 13.25 33.54
N ARG D 53 -9.35 12.71 34.42
CA ARG D 53 -8.15 11.96 34.03
C ARG D 53 -8.45 10.79 33.11
N PRO D 54 -9.46 9.95 33.43
CA PRO D 54 -9.73 8.82 32.55
C PRO D 54 -10.35 9.16 31.19
N GLU D 55 -10.97 10.34 31.04
CA GLU D 55 -11.53 10.75 29.75
C GLU D 55 -10.47 11.22 28.77
N LEU D 56 -9.28 11.55 29.26
CA LEU D 56 -8.18 11.90 28.37
C LEU D 56 -7.48 10.67 27.78
N GLU D 57 -7.92 9.48 28.22
CA GLU D 57 -7.34 8.21 27.79
C GLU D 57 -8.10 7.67 26.60
N ASP D 58 -9.29 8.22 26.38
CA ASP D 58 -10.15 7.70 25.32
C ASP D 58 -9.61 8.18 23.97
N ILE D 59 -9.59 7.27 23.01
CA ILE D 59 -8.90 7.52 21.74
C ILE D 59 -9.82 7.59 20.54
N GLU D 60 -11.03 7.09 20.68
CA GLU D 60 -12.03 7.27 19.62
C GLU D 60 -12.34 8.74 19.34
N ALA D 61 -12.58 9.02 18.07
CA ALA D 61 -12.86 10.39 17.61
C ALA D 61 -13.91 11.11 18.43
N SER D 62 -15.03 10.45 18.67
CA SER D 62 -16.13 11.09 19.38
C SER D 62 -15.77 11.46 20.81
N ALA D 63 -14.72 10.87 21.35
CA ALA D 63 -14.29 11.15 22.71
C ALA D 63 -13.26 12.26 22.77
N ARG D 64 -12.67 12.57 21.62
CA ARG D 64 -11.60 13.56 21.50
C ARG D 64 -11.99 14.87 20.82
N PHE D 65 -12.82 14.81 19.79
CA PHE D 65 -13.19 15.99 18.99
C PHE D 65 -14.72 16.11 18.99
N PHE D 66 -15.24 17.03 19.79
CA PHE D 66 -16.68 17.15 20.00
C PHE D 66 -17.06 18.50 20.57
N GLU D 67 -18.33 18.87 20.39
CA GLU D 67 -18.93 20.12 20.91
C GLU D 67 -20.04 19.79 21.86
N ASP D 68 -20.13 20.50 22.98
CA ASP D 68 -21.25 20.29 23.90
C ASP D 68 -21.52 21.55 24.71
N ASP D 69 -22.35 21.46 25.75
CA ASP D 69 -22.65 22.65 26.53
C ASP D 69 -21.43 23.26 27.22
N ASP D 70 -20.40 22.48 27.46
CA ASP D 70 -19.13 23.00 28.03
C ASP D 70 -18.18 23.56 26.99
N GLY D 71 -18.56 23.55 25.71
CA GLY D 71 -17.81 24.25 24.69
C GLY D 71 -17.31 23.35 23.59
N LEU D 72 -16.25 23.81 22.91
CA LEU D 72 -15.60 23.03 21.85
C LEU D 72 -14.34 22.33 22.37
N HIS D 73 -14.29 20.99 22.24
CA HIS D 73 -13.22 20.21 22.83
C HIS D 73 -12.33 19.60 21.77
N ILE D 74 -11.04 19.70 21.99
CA ILE D 74 -10.06 19.00 21.16
C ILE D 74 -9.05 18.34 22.10
N HIS D 75 -8.97 17.03 22.10
CA HIS D 75 -7.93 16.33 22.85
C HIS D 75 -6.85 15.88 21.88
N SER D 76 -5.61 16.31 22.12
CA SER D 76 -4.56 16.02 21.19
C SER D 76 -3.31 15.49 21.89
N PHE D 77 -2.66 14.50 21.28
CA PHE D 77 -1.37 14.01 21.78
C PHE D 77 -0.30 15.06 21.59
N PHE D 78 0.54 15.21 22.60
CA PHE D 78 1.72 16.07 22.55
C PHE D 78 2.94 15.22 22.93
N PHE D 79 4.06 15.47 22.26
CA PHE D 79 5.22 14.62 22.35
C PHE D 79 6.13 15.08 23.50
N PHE D 80 6.77 14.13 24.20
CA PHE D 80 7.72 14.51 25.26
C PHE D 80 8.66 13.35 25.57
N GLU D 81 9.66 13.61 26.40
CA GLU D 81 10.62 12.59 26.83
C GLU D 81 10.60 12.49 28.33
N ASP D 82 10.36 11.30 28.86
CA ASP D 82 10.24 11.12 30.31
C ASP D 82 11.61 11.19 30.96
N ALA D 83 11.64 11.02 32.27
CA ALA D 83 12.86 11.20 33.04
C ALA D 83 14.03 10.33 32.55
N GLU D 84 13.72 9.15 32.00
CA GLU D 84 14.76 8.23 31.51
C GLU D 84 14.96 8.25 29.98
N ASP D 85 14.67 9.41 29.37
CA ASP D 85 14.87 9.64 27.95
C ASP D 85 14.08 8.69 27.07
N HIS D 86 12.86 8.35 27.49
CA HIS D 86 11.97 7.51 26.67
C HIS D 86 10.83 8.35 26.11
N ALA D 87 10.63 8.29 24.81
CA ALA D 87 9.62 9.09 24.17
C ALA D 87 8.22 8.72 24.61
N GLY D 88 7.32 9.70 24.57
CA GLY D 88 5.93 9.46 24.93
C GLY D 88 5.03 10.50 24.33
N ASN D 89 3.73 10.21 24.38
CA ASN D 89 2.71 11.14 23.95
C ASN D 89 1.76 11.40 25.11
N SER D 90 1.60 12.65 25.50
CA SER D 90 0.67 12.99 26.58
C SER D 90 -0.52 13.71 25.98
N THR D 91 -1.72 13.27 26.33
CA THR D 91 -2.94 13.92 25.85
C THR D 91 -3.22 15.23 26.59
N VAL D 92 -3.61 16.25 25.82
CA VAL D 92 -3.89 17.57 26.35
C VAL D 92 -5.29 17.87 25.92
N ALA D 93 -6.11 18.33 26.85
CA ALA D 93 -7.48 18.66 26.52
C ALA D 93 -7.60 20.16 26.31
N PHE D 94 -7.94 20.55 25.08
CA PHE D 94 -8.20 21.94 24.73
C PHE D 94 -9.68 22.17 24.76
N THR D 95 -10.11 23.23 25.43
CA THR D 95 -11.50 23.61 25.41
C THR D 95 -11.64 25.10 25.13
N ILE D 96 -12.53 25.43 24.20
CA ILE D 96 -12.80 26.82 23.92
C ILE D 96 -14.27 27.11 24.20
N ARG D 97 -14.51 28.16 24.98
CA ARG D 97 -15.84 28.57 25.37
C ARG D 97 -15.86 30.03 25.73
N ASP D 98 -16.81 30.77 25.14
CA ASP D 98 -16.95 32.20 25.37
C ASP D 98 -15.61 32.92 25.15
N GLY D 99 -14.96 32.65 24.02
CA GLY D 99 -13.72 33.33 23.66
C GLY D 99 -12.52 33.06 24.55
N ARG D 100 -12.62 32.09 25.46
CA ARG D 100 -11.51 31.69 26.34
C ARG D 100 -11.03 30.27 26.05
N LEU D 101 -9.73 30.07 26.12
CA LEU D 101 -9.11 28.76 25.92
C LEU D 101 -8.72 28.15 27.25
N PHE D 102 -9.09 26.89 27.47
CA PHE D 102 -8.64 26.15 28.63
C PHE D 102 -7.78 24.99 28.18
N THR D 103 -6.58 24.86 28.75
CA THR D 103 -5.74 23.70 28.46
C THR D 103 -5.52 22.94 29.74
N LEU D 104 -5.77 21.64 29.69
CA LEU D 104 -5.63 20.80 30.84
C LEU D 104 -4.66 19.70 30.48
N ARG D 105 -3.59 19.59 31.26
CA ARG D 105 -2.58 18.59 30.97
C ARG D 105 -1.98 17.92 32.21
N GLU D 106 -1.48 16.70 32.00
CA GLU D 106 -0.91 15.88 33.08
C GLU D 106 0.51 16.31 33.47
N ARG D 107 1.19 17.11 32.66
CA ARG D 107 2.62 17.33 32.86
C ARG D 107 3.12 18.50 32.08
N GLU D 108 4.33 18.93 32.42
CA GLU D 108 5.01 19.95 31.64
C GLU D 108 5.33 19.39 30.27
N LEU D 109 5.36 20.27 29.28
CA LEU D 109 5.54 19.85 27.90
C LEU D 109 6.37 20.84 27.17
N PRO D 110 7.25 20.37 26.29
CA PRO D 110 8.17 21.30 25.69
C PRO D 110 7.50 22.33 24.75
N ALA D 111 6.42 21.96 24.06
CA ALA D 111 5.72 22.92 23.19
C ALA D 111 5.14 24.06 23.99
N PHE D 112 4.56 23.73 25.14
CA PHE D 112 3.99 24.79 26.01
C PHE D 112 5.05 25.70 26.63
N ARG D 113 6.12 25.09 27.12
CA ARG D 113 7.23 25.83 27.69
C ARG D 113 7.83 26.76 26.64
N LEU D 114 7.98 26.26 25.42
CA LEU D 114 8.47 27.07 24.30
C LEU D 114 7.49 28.17 23.89
N TYR D 115 6.21 27.84 23.72
CA TYR D 115 5.26 28.87 23.35
C TYR D 115 5.23 30.00 24.37
N ARG D 116 5.28 29.66 25.65
CA ARG D 116 5.21 30.64 26.71
C ARG D 116 6.42 31.55 26.75
N MET D 117 7.60 30.98 26.57
CA MET D 117 8.79 31.79 26.48
C MET D 117 8.69 32.86 25.37
N ARG D 118 8.26 32.45 24.18
CA ARG D 118 8.07 33.36 23.05
C ARG D 118 6.95 34.35 23.26
N ALA D 119 5.88 33.88 23.92
CA ALA D 119 4.68 34.70 24.14
C ALA D 119 4.99 35.95 24.95
N ARG D 120 6.01 35.85 25.79
CA ARG D 120 6.49 37.01 26.54
C ARG D 120 6.94 38.21 25.71
N SER D 121 7.36 38.01 24.46
CA SER D 121 7.91 39.10 23.67
C SER D 121 7.54 38.92 22.21
N GLN D 122 6.25 38.84 21.94
CA GLN D 122 5.77 38.57 20.58
C GLN D 122 4.29 38.84 20.51
N SER D 123 3.88 39.64 19.55
CA SER D 123 2.47 39.98 19.38
C SER D 123 1.71 38.90 18.61
N MET D 124 0.47 38.66 19.01
CA MET D 124 -0.47 37.88 18.22
C MET D 124 -1.04 38.77 17.15
N VAL D 125 -1.79 38.19 16.22
CA VAL D 125 -2.39 38.94 15.12
C VAL D 125 -3.81 39.38 15.47
N ASP D 126 -4.77 38.45 15.40
CA ASP D 126 -6.18 38.72 15.68
C ASP D 126 -6.45 38.71 17.19
N GLY D 127 -5.65 37.94 17.91
CA GLY D 127 -5.70 37.93 19.38
C GLY D 127 -6.90 37.22 19.97
N ASN D 128 -7.00 35.91 19.77
CA ASN D 128 -8.15 35.16 20.28
C ASN D 128 -7.83 33.69 20.54
N ALA D 129 -8.73 33.04 21.28
CA ALA D 129 -8.60 31.65 21.67
C ALA D 129 -8.23 30.71 20.55
N TYR D 130 -8.81 30.92 19.36
CA TYR D 130 -8.57 30.03 18.23
C TYR D 130 -7.17 30.25 17.68
N GLU D 131 -6.74 31.50 17.57
CA GLU D 131 -5.36 31.74 17.13
C GLU D 131 -4.40 31.08 18.10
N LEU D 132 -4.74 31.15 19.37
CA LEU D 132 -3.86 30.70 20.43
C LEU D 132 -3.71 29.19 20.37
N LEU D 133 -4.82 28.50 20.19
CA LEU D 133 -4.80 27.06 20.02
C LEU D 133 -3.97 26.64 18.79
N LEU D 134 -4.15 27.33 17.68
CA LEU D 134 -3.38 27.02 16.51
C LEU D 134 -1.91 27.36 16.70
N ASP D 135 -1.59 28.37 17.51
CA ASP D 135 -0.20 28.70 17.78
C ASP D 135 0.49 27.57 18.52
N LEU D 136 -0.22 26.99 19.49
CA LEU D 136 0.31 25.85 20.21
C LEU D 136 0.54 24.67 19.27
N PHE D 137 -0.35 24.49 18.30
CA PHE D 137 -0.18 23.41 17.30
C PHE D 137 0.99 23.68 16.37
N GLU D 138 1.10 24.92 15.87
CA GLU D 138 2.27 25.32 15.08
C GLU D 138 3.56 24.96 15.79
N THR D 139 3.62 25.24 17.09
CA THR D 139 4.79 24.97 17.90
C THR D 139 5.04 23.48 18.01
N LYS D 140 3.98 22.72 18.30
CA LYS D 140 4.06 21.28 18.34
C LYS D 140 4.66 20.75 17.04
N ILE D 141 4.15 21.20 15.90
CA ILE D 141 4.66 20.69 14.63
C ILE D 141 6.13 21.03 14.46
N GLU D 142 6.50 22.26 14.81
CA GLU D 142 7.90 22.68 14.70
C GLU D 142 8.83 21.73 15.46
N GLN D 143 8.34 21.17 16.56
CA GLN D 143 9.14 20.30 17.43
C GLN D 143 9.14 18.91 16.90
N LEU D 144 8.01 18.41 16.43
CA LEU D 144 8.03 17.13 15.74
C LEU D 144 8.95 17.10 14.51
N ALA D 145 9.07 18.22 13.83
CA ALA D 145 9.95 18.29 12.70
C ALA D 145 11.41 18.23 13.15
N ASP D 146 11.71 18.82 14.28
CA ASP D 146 13.04 18.76 14.88
C ASP D 146 13.37 17.31 15.27
N GLU D 147 12.40 16.62 15.87
CA GLU D 147 12.58 15.20 16.19
C GLU D 147 12.94 14.39 14.98
N ILE D 148 12.23 14.60 13.89
CA ILE D 148 12.43 13.81 12.69
C ILE D 148 13.80 14.16 12.14
N GLU D 149 14.12 15.45 12.07
CA GLU D 149 15.44 15.89 11.66
C GLU D 149 16.52 15.17 12.44
N ASN D 150 16.31 14.95 13.73
CA ASN D 150 17.31 14.25 14.52
C ASN D 150 17.36 12.76 14.34
N ILE D 151 16.22 12.13 14.11
CA ILE D 151 16.24 10.74 13.76
C ILE D 151 17.09 10.56 12.51
N TYR D 152 16.98 11.46 11.56
CA TYR D 152 17.78 11.33 10.36
C TYR D 152 19.26 11.30 10.66
N SER D 153 19.77 12.28 11.41
CA SER D 153 21.21 12.36 11.64
C SER D 153 21.73 11.21 12.48
N ASP D 154 20.89 10.73 13.39
CA ASP D 154 21.26 9.61 14.25
C ASP D 154 21.32 8.31 13.50
N LEU D 155 20.37 8.16 12.58
CA LEU D 155 20.30 7.01 11.73
C LEU D 155 21.45 7.01 10.73
N GLU D 156 21.89 8.20 10.34
CA GLU D 156 23.04 8.34 9.45
C GLU D 156 24.30 7.79 10.12
N GLN D 157 24.52 8.19 11.37
CA GLN D 157 25.69 7.72 12.12
C GLN D 157 25.60 6.24 12.34
N LEU D 158 24.43 5.80 12.79
CA LEU D 158 24.22 4.42 13.13
C LEU D 158 24.36 3.53 11.89
N SER D 159 23.96 4.03 10.73
CA SER D 159 24.18 3.29 9.50
C SER D 159 25.64 2.95 9.29
N ARG D 160 26.55 3.86 9.63
CA ARG D 160 27.98 3.60 9.46
C ARG D 160 28.58 2.64 10.48
N VAL D 161 28.12 2.73 11.73
CA VAL D 161 28.48 1.73 12.75
C VAL D 161 28.14 0.31 12.27
N ILE D 162 26.96 0.17 11.63
CA ILE D 162 26.48 -1.13 11.22
C ILE D 162 27.26 -1.73 10.05
N MET D 163 27.81 -0.88 9.17
CA MET D 163 28.66 -1.39 8.09
C MET D 163 30.08 -1.73 8.52
N GLU D 164 30.63 -0.98 9.47
CA GLU D 164 32.06 -0.99 9.77
C GLU D 164 32.44 -1.90 10.97
N GLY D 165 31.58 -1.99 11.98
CA GLY D 165 31.87 -2.74 13.21
C GLY D 165 31.66 -4.25 13.14
N HIS D 166 32.51 -5.02 13.85
CA HIS D 166 32.39 -6.49 13.96
C HIS D 166 32.16 -6.96 15.42
N GLN D 167 32.74 -6.25 16.39
CA GLN D 167 32.63 -6.60 17.81
C GLN D 167 31.17 -6.70 18.31
N GLY D 168 30.97 -7.53 19.34
CA GLY D 168 29.64 -7.72 19.95
C GLY D 168 29.20 -6.52 20.77
N ASP D 169 30.17 -5.85 21.40
CA ASP D 169 29.90 -4.64 22.20
C ASP D 169 29.23 -3.54 21.37
N GLU D 170 29.83 -3.19 20.25
CA GLU D 170 29.27 -2.19 19.32
C GLU D 170 27.90 -2.60 18.69
N TYR D 171 27.57 -3.89 18.74
CA TYR D 171 26.35 -4.40 18.11
C TYR D 171 25.12 -4.58 19.00
N ASP D 172 25.33 -5.00 20.24
CA ASP D 172 24.26 -4.84 21.22
C ASP D 172 23.76 -3.40 21.19
N GLU D 173 24.71 -2.47 21.20
CA GLU D 173 24.46 -1.03 21.29
C GLU D 173 23.74 -0.54 20.05
N ALA D 174 24.01 -1.17 18.92
CA ALA D 174 23.45 -0.73 17.65
C ALA D 174 21.97 -1.09 17.50
N LEU D 175 21.60 -2.30 17.85
CA LEU D 175 20.20 -2.67 17.89
C LEU D 175 19.41 -1.88 18.89
N SER D 176 19.97 -1.62 20.06
CA SER D 176 19.28 -0.79 21.02
C SER D 176 19.00 0.57 20.46
N THR D 177 20.00 1.16 19.80
CA THR D 177 19.83 2.49 19.21
C THR D 177 18.77 2.46 18.14
N LEU D 178 18.87 1.53 17.22
CA LEU D 178 17.80 1.32 16.24
C LEU D 178 16.43 1.24 16.86
N ALA D 179 16.29 0.40 17.88
CA ALA D 179 15.01 0.25 18.56
C ALA D 179 14.51 1.55 19.23
N GLU D 180 15.42 2.37 19.72
CA GLU D 180 15.06 3.65 20.30
C GLU D 180 14.58 4.62 19.21
N LEU D 181 15.25 4.62 18.06
CA LEU D 181 14.86 5.48 16.95
C LEU D 181 13.54 5.05 16.32
N GLU D 182 13.28 3.75 16.27
CA GLU D 182 12.01 3.28 15.75
C GLU D 182 10.90 3.81 16.65
N ASP D 183 11.09 3.68 17.95
CA ASP D 183 10.07 4.08 18.91
C ASP D 183 9.75 5.57 18.88
N ILE D 184 10.76 6.40 18.68
CA ILE D 184 10.52 7.82 18.56
C ILE D 184 9.70 8.09 17.29
N GLY D 185 10.13 7.56 16.17
CA GLY D 185 9.41 7.78 14.91
C GLY D 185 7.96 7.37 15.04
N TRP D 186 7.77 6.25 15.72
CA TRP D 186 6.46 5.68 15.89
C TRP D 186 5.61 6.63 16.68
N LYS D 187 6.13 7.12 17.78
CA LYS D 187 5.39 8.07 18.57
C LYS D 187 5.20 9.41 17.89
N VAL D 188 6.19 9.87 17.15
CA VAL D 188 6.01 11.06 16.37
C VAL D 188 4.83 10.87 15.40
N ARG D 189 4.77 9.74 14.71
CA ARG D 189 3.67 9.54 13.78
C ARG D 189 2.32 9.60 14.47
N LEU D 190 2.18 9.01 15.66
CA LEU D 190 0.89 9.05 16.35
C LEU D 190 0.55 10.50 16.64
N CYS D 191 1.54 11.23 17.08
CA CYS D 191 1.33 12.61 17.36
C CYS D 191 0.84 13.40 16.10
N LEU D 192 1.46 13.20 14.95
CA LEU D 192 1.04 13.86 13.71
C LEU D 192 -0.35 13.46 13.26
N MET D 193 -0.64 12.17 13.25
CA MET D 193 -1.93 11.69 12.76
C MET D 193 -3.10 12.24 13.53
N ASP D 194 -2.86 12.45 14.82
CA ASP D 194 -3.88 12.93 15.75
C ASP D 194 -4.11 14.41 15.60
N THR D 195 -3.03 15.17 15.49
CA THR D 195 -3.12 16.58 15.20
C THR D 195 -3.84 16.79 13.86
N GLN D 196 -3.56 15.95 12.89
CA GLN D 196 -4.22 16.04 11.64
C GLN D 196 -5.72 15.87 11.77
N ARG D 197 -6.18 14.93 12.57
CA ARG D 197 -7.61 14.75 12.76
C ARG D 197 -8.19 15.96 13.42
N ALA D 198 -7.47 16.47 14.42
CA ALA D 198 -7.96 17.58 15.19
C ALA D 198 -8.18 18.75 14.28
N LEU D 199 -7.17 19.09 13.48
CA LEU D 199 -7.28 20.22 12.55
C LEU D 199 -8.34 20.00 11.48
N ASN D 200 -8.51 18.80 10.96
CA ASN D 200 -9.63 18.56 10.05
C ASN D 200 -10.97 18.79 10.72
N PHE D 201 -11.08 18.39 11.99
CA PHE D 201 -12.30 18.63 12.75
C PHE D 201 -12.60 20.11 12.87
N LEU D 202 -11.62 20.93 13.24
CA LEU D 202 -11.84 22.37 13.42
C LEU D 202 -12.21 23.08 12.16
N VAL D 203 -11.67 22.64 11.04
CA VAL D 203 -11.89 23.29 9.79
C VAL D 203 -13.34 23.16 9.42
N ARG D 204 -13.97 22.05 9.78
CA ARG D 204 -15.38 21.82 9.49
C ARG D 204 -16.37 22.34 10.53
N LYS D 205 -15.91 22.47 11.77
CA LYS D 205 -16.76 22.73 12.93
C LYS D 205 -16.74 24.19 13.42
N ALA D 206 -15.62 24.69 13.93
CA ALA D 206 -15.60 26.09 14.39
C ALA D 206 -15.82 27.06 13.25
N ARG D 207 -16.60 28.10 13.53
CA ARG D 207 -16.61 29.32 12.72
C ARG D 207 -15.25 30.02 12.94
N LEU D 208 -14.20 29.44 12.37
CA LEU D 208 -12.85 29.99 12.50
C LEU D 208 -12.77 31.32 11.73
N PRO D 209 -12.35 32.41 12.39
CA PRO D 209 -12.07 33.63 11.61
C PRO D 209 -11.09 33.36 10.44
N GLY D 210 -11.26 34.00 9.30
CA GLY D 210 -10.49 33.68 8.10
C GLY D 210 -8.97 33.65 8.25
N GLY D 211 -8.42 34.47 9.16
CA GLY D 211 -6.97 34.48 9.42
C GLY D 211 -6.52 33.17 10.07
N GLN D 212 -7.38 32.66 10.94
CA GLN D 212 -7.22 31.33 11.56
C GLN D 212 -7.35 30.20 10.55
N LEU D 213 -8.27 30.33 9.60
CA LEU D 213 -8.48 29.25 8.65
C LEU D 213 -7.23 29.01 7.83
N GLU D 214 -6.62 30.07 7.32
CA GLU D 214 -5.38 29.92 6.57
C GLU D 214 -4.30 29.27 7.46
N GLN D 215 -4.24 29.69 8.71
CA GLN D 215 -3.25 29.19 9.68
C GLN D 215 -3.38 27.70 9.87
N ALA D 216 -4.61 27.25 10.08
CA ALA D 216 -4.92 25.83 10.17
C ALA D 216 -4.51 25.10 8.90
N ARG D 217 -4.84 25.64 7.74
CA ARG D 217 -4.46 25.00 6.49
C ARG D 217 -2.94 24.90 6.35
N GLU D 218 -2.22 25.94 6.72
CA GLU D 218 -0.75 25.90 6.72
C GLU D 218 -0.22 24.75 7.57
N ILE D 219 -0.79 24.58 8.76
CA ILE D 219 -0.40 23.49 9.63
C ILE D 219 -0.72 22.15 9.01
N LEU D 220 -1.90 21.99 8.43
CA LEU D 220 -2.23 20.74 7.75
C LEU D 220 -1.25 20.43 6.65
N ARG D 221 -0.82 21.45 5.93
CA ARG D 221 0.11 21.30 4.82
C ARG D 221 1.44 20.80 5.33
N ASP D 222 1.82 21.23 6.52
CA ASP D 222 3.09 20.80 7.13
C ASP D 222 3.04 19.36 7.55
N ILE D 223 1.93 18.95 8.15
CA ILE D 223 1.74 17.56 8.50
C ILE D 223 1.77 16.68 7.26
N GLU D 224 1.07 17.08 6.20
CA GLU D 224 1.10 16.31 4.98
C GLU D 224 2.55 16.15 4.51
N SER D 225 3.40 17.12 4.82
CA SER D 225 4.80 17.06 4.38
C SER D 225 5.74 16.32 5.32
N LEU D 226 5.33 16.09 6.57
CA LEU D 226 6.18 15.35 7.52
C LEU D 226 5.89 13.88 7.56
N LEU D 227 4.63 13.50 7.36
CA LEU D 227 4.27 12.09 7.39
C LEU D 227 5.09 11.21 6.45
N PRO D 228 5.27 11.62 5.21
CA PRO D 228 6.13 10.81 4.34
C PRO D 228 7.54 10.60 4.87
N HIS D 229 8.12 11.62 5.52
CA HIS D 229 9.43 11.47 6.14
C HIS D 229 9.39 10.39 7.20
N ASN D 230 8.32 10.33 7.95
CA ASN D 230 8.15 9.33 8.97
C ASN D 230 8.17 7.96 8.36
N GLU D 231 7.45 7.76 7.28
CA GLU D 231 7.37 6.43 6.65
C GLU D 231 8.73 6.00 6.07
N SER D 232 9.49 6.98 5.62
CA SER D 232 10.79 6.80 5.04
C SER D 232 11.76 6.25 6.06
N LEU D 233 11.69 6.76 7.28
CA LEU D 233 12.54 6.28 8.36
C LEU D 233 12.25 4.86 8.77
N PHE D 234 10.98 4.44 8.75
CA PHE D 234 10.68 3.05 9.09
C PHE D 234 11.31 2.10 8.07
N GLN D 235 11.24 2.42 6.78
CA GLN D 235 11.86 1.56 5.78
C GLN D 235 13.34 1.37 6.05
N LYS D 236 14.01 2.44 6.46
CA LYS D 236 15.46 2.44 6.70
C LYS D 236 15.76 1.61 7.91
N VAL D 237 15.05 1.93 8.97
CA VAL D 237 15.20 1.22 10.19
C VAL D 237 15.01 -0.27 9.99
N ASN D 238 13.99 -0.67 9.25
CA ASN D 238 13.75 -2.11 9.05
C ASN D 238 14.83 -2.78 8.25
N PHE D 239 15.34 -2.05 7.27
CA PHE D 239 16.40 -2.57 6.49
C PHE D 239 17.65 -2.75 7.34
N LEU D 240 17.97 -1.77 8.17
CA LEU D 240 19.18 -1.83 8.98
C LEU D 240 19.13 -2.98 9.95
N MET D 241 17.96 -3.19 10.51
CA MET D 241 17.71 -4.33 11.35
C MET D 241 18.08 -5.60 10.61
N GLN D 242 17.55 -5.75 9.41
CA GLN D 242 17.89 -6.93 8.59
C GLN D 242 19.38 -7.08 8.35
N ALA D 243 20.07 -5.98 8.07
CA ALA D 243 21.48 -6.04 7.72
C ALA D 243 22.33 -6.53 8.90
N ALA D 244 22.02 -5.94 10.04
CA ALA D 244 22.67 -6.31 11.29
C ALA D 244 22.56 -7.80 11.58
N MET D 245 21.35 -8.33 11.46
CA MET D 245 21.19 -9.76 11.64
C MET D 245 22.06 -10.52 10.65
N GLY D 246 22.20 -9.98 9.45
CA GLY D 246 23.10 -10.59 8.50
C GLY D 246 24.52 -10.63 9.01
N PHE D 247 24.98 -9.54 9.58
CA PHE D 247 26.35 -9.47 10.03
C PHE D 247 26.59 -10.38 11.25
N ILE D 248 25.62 -10.42 12.14
CA ILE D 248 25.64 -11.35 13.25
C ILE D 248 25.66 -12.81 12.84
N ASN D 249 24.93 -13.17 11.79
CA ASN D 249 24.98 -14.55 11.29
C ASN D 249 26.32 -14.85 10.67
N ILE D 250 26.91 -13.84 10.02
CA ILE D 250 28.20 -14.03 9.41
C ILE D 250 29.24 -14.24 10.51
N GLU D 251 29.16 -13.41 11.55
CA GLU D 251 30.05 -13.48 12.69
C GLU D 251 29.93 -14.84 13.34
N GLN D 252 28.69 -15.27 13.54
CA GLN D 252 28.46 -16.57 14.14
C GLN D 252 29.12 -17.71 13.35
N ASN D 253 29.04 -17.65 12.03
CA ASN D 253 29.77 -18.63 11.22
C ASN D 253 31.25 -18.58 11.43
N ARG D 254 31.81 -17.39 11.64
CA ARG D 254 33.23 -17.28 11.87
C ARG D 254 33.60 -17.98 13.18
N ILE D 255 32.87 -17.65 14.24
CA ILE D 255 33.05 -18.23 15.55
C ILE D 255 33.02 -19.74 15.51
N ILE D 256 31.99 -20.31 14.89
CA ILE D 256 31.88 -21.76 14.84
C ILE D 256 33.10 -22.39 14.17
N LYS D 257 33.64 -21.78 13.12
CA LYS D 257 34.88 -22.26 12.50
C LYS D 257 36.13 -22.14 13.42
N MET E 1 32.05 32.40 -0.57
CA MET E 1 32.28 32.32 -2.03
C MET E 1 31.08 32.91 -2.74
N LEU E 2 31.27 34.08 -3.34
CA LEU E 2 30.21 34.72 -4.06
C LEU E 2 30.53 34.76 -5.55
N SER E 3 29.63 34.22 -6.36
CA SER E 3 29.69 34.35 -7.80
C SER E 3 28.41 35.02 -8.22
N ALA E 4 28.47 35.75 -9.33
CA ALA E 4 27.34 36.48 -9.83
C ALA E 4 27.35 36.41 -11.34
N PHE E 5 26.17 36.38 -11.93
CA PHE E 5 26.01 36.19 -13.37
C PHE E 5 25.00 37.18 -13.90
N GLN E 6 25.19 37.57 -15.16
CA GLN E 6 24.31 38.50 -15.83
C GLN E 6 24.01 37.97 -17.21
N LEU E 7 22.97 38.51 -17.82
CA LEU E 7 22.50 38.01 -19.10
C LEU E 7 23.00 38.88 -20.28
N GLU E 8 23.49 38.24 -21.33
CA GLU E 8 23.94 38.91 -22.56
C GLU E 8 23.53 38.12 -23.83
N ASN E 9 22.38 38.47 -24.40
CA ASN E 9 21.72 37.68 -25.46
C ASN E 9 21.33 36.29 -25.00
N ASN E 10 20.57 36.26 -23.91
CA ASN E 10 20.20 35.00 -23.29
C ASN E 10 21.41 34.08 -23.02
N ARG E 11 22.55 34.64 -22.66
CA ARG E 11 23.71 33.82 -22.27
C ARG E 11 24.20 34.25 -20.90
N LEU E 12 24.33 33.29 -19.98
CA LEU E 12 24.79 33.62 -18.65
C LEU E 12 26.27 33.89 -18.70
N THR E 13 26.66 35.10 -18.29
CA THR E 13 28.07 35.46 -18.28
C THR E 13 28.51 35.86 -16.88
N ARG E 14 29.62 35.25 -16.48
CA ARG E 14 30.12 35.43 -15.14
C ARG E 14 30.61 36.86 -14.95
N LEU E 15 30.03 37.56 -13.98
CA LEU E 15 30.52 38.87 -13.55
C LEU E 15 31.78 38.69 -12.71
N GLU E 16 32.66 39.68 -12.75
CA GLU E 16 33.83 39.71 -11.89
C GLU E 16 33.29 40.46 -10.68
N VAL E 17 33.49 39.91 -9.49
CA VAL E 17 32.91 40.45 -8.25
C VAL E 17 33.92 40.98 -7.26
N GLU E 18 35.08 40.34 -7.18
CA GLU E 18 36.19 40.84 -6.36
C GLU E 18 36.55 42.26 -6.82
N GLU E 19 36.59 42.48 -8.15
CA GLU E 19 36.89 43.78 -8.72
C GLU E 19 35.61 44.59 -9.07
N SER E 20 34.92 44.24 -10.15
CA SER E 20 33.70 44.97 -10.56
C SER E 20 32.61 44.81 -9.51
N GLN E 21 32.44 45.85 -8.71
CA GLN E 21 31.55 45.81 -7.55
C GLN E 21 30.04 45.74 -7.90
N PRO E 22 29.58 46.46 -8.95
CA PRO E 22 28.10 46.53 -9.12
C PRO E 22 27.42 45.17 -9.30
N LEU E 23 26.70 44.76 -8.27
CA LEU E 23 25.94 43.52 -8.27
C LEU E 23 24.57 43.71 -8.83
N VAL E 24 24.12 44.95 -8.91
CA VAL E 24 22.77 45.24 -9.36
C VAL E 24 22.49 44.69 -10.76
N ASN E 25 23.52 44.55 -11.58
CA ASN E 25 23.35 44.02 -12.94
C ASN E 25 23.14 42.52 -13.03
N ALA E 26 23.25 41.82 -11.92
CA ALA E 26 23.20 40.38 -11.96
C ALA E 26 21.78 39.87 -11.99
N VAL E 27 21.55 38.79 -12.74
CA VAL E 27 20.29 38.04 -12.68
C VAL E 27 20.38 36.92 -11.63
N TRP E 28 21.58 36.43 -11.35
CA TRP E 28 21.75 35.28 -10.47
C TRP E 28 22.92 35.53 -9.54
N ILE E 29 22.66 35.48 -8.24
CA ILE E 29 23.73 35.48 -7.27
C ILE E 29 23.81 34.11 -6.63
N ASP E 30 25.00 33.52 -6.63
CA ASP E 30 25.20 32.17 -6.13
C ASP E 30 26.20 32.16 -4.98
N LEU E 31 25.73 31.89 -3.76
CA LEU E 31 26.64 31.85 -2.62
C LEU E 31 26.95 30.46 -2.14
N VAL E 32 28.23 30.20 -1.88
CA VAL E 32 28.67 28.94 -1.30
C VAL E 32 29.42 29.23 0.01
N GLU E 33 28.87 28.77 1.14
CA GLU E 33 29.49 28.96 2.46
C GLU E 33 29.89 30.40 2.67
N PRO E 34 28.94 31.32 2.49
CA PRO E 34 29.34 32.70 2.51
C PRO E 34 29.64 33.24 3.91
N ASP E 35 30.74 33.98 4.05
CA ASP E 35 31.05 34.66 5.31
C ASP E 35 30.08 35.84 5.52
N ASP E 36 30.14 36.47 6.69
CA ASP E 36 29.22 37.58 7.00
C ASP E 36 29.53 38.85 6.20
N ASP E 37 30.74 38.93 5.64
CA ASP E 37 31.05 39.98 4.66
C ASP E 37 30.21 39.85 3.36
N GLU E 38 30.18 38.65 2.78
CA GLU E 38 29.41 38.41 1.56
C GLU E 38 27.91 38.54 1.81
N ARG E 39 27.45 38.16 2.99
CA ARG E 39 26.03 38.27 3.32
C ARG E 39 25.62 39.72 3.43
N LEU E 40 26.43 40.49 4.15
CA LEU E 40 26.18 41.93 4.33
C LEU E 40 26.23 42.66 3.00
N ARG E 41 27.10 42.21 2.11
CA ARG E 41 27.24 42.82 0.79
C ARG E 41 25.94 42.66 0.02
N VAL E 42 25.41 41.46 0.00
CA VAL E 42 24.15 41.19 -0.66
C VAL E 42 23.01 41.95 0.00
N GLN E 43 23.06 42.03 1.33
CA GLN E 43 22.07 42.76 2.12
C GLN E 43 22.01 44.24 1.78
N SER E 44 23.17 44.88 1.63
CA SER E 44 23.17 46.31 1.35
C SER E 44 23.00 46.62 -0.17
N GLU E 45 23.75 45.94 -1.03
CA GLU E 45 23.71 46.23 -2.47
C GLU E 45 22.39 45.86 -3.12
N LEU E 46 21.81 44.74 -2.71
CA LEU E 46 20.43 44.38 -3.10
C LEU E 46 19.63 44.35 -1.81
N GLY E 47 18.34 44.03 -1.87
CA GLY E 47 17.54 44.18 -0.65
C GLY E 47 17.61 42.97 0.25
N GLN E 48 18.58 42.07 0.01
CA GLN E 48 18.35 40.65 0.24
C GLN E 48 18.91 40.07 1.52
N SER E 49 18.01 39.70 2.43
CA SER E 49 18.35 38.80 3.53
C SER E 49 18.37 37.38 3.04
N LEU E 50 19.25 36.59 3.62
CA LEU E 50 19.41 35.25 3.21
C LEU E 50 19.22 34.34 4.38
N ALA E 51 18.72 33.16 4.08
CA ALA E 51 18.47 32.18 5.11
C ALA E 51 19.72 31.87 5.92
N THR E 52 19.56 31.68 7.22
CA THR E 52 20.67 31.27 8.05
C THR E 52 20.92 29.75 7.92
N ARG E 53 22.06 29.32 8.45
CA ARG E 53 22.44 27.92 8.41
C ARG E 53 21.39 27.00 9.04
N PRO E 54 20.92 27.33 10.26
CA PRO E 54 19.95 26.41 10.88
C PRO E 54 18.58 26.38 10.21
N GLU E 55 18.21 27.39 9.43
CA GLU E 55 16.92 27.40 8.73
C GLU E 55 16.90 26.53 7.49
N LEU E 56 18.07 26.15 7.01
CA LEU E 56 18.15 25.19 5.90
C LEU E 56 18.06 23.74 6.36
N GLU E 57 17.97 23.54 7.67
CA GLU E 57 17.82 22.22 8.24
C GLU E 57 16.36 21.87 8.39
N ASP E 58 15.49 22.87 8.33
CA ASP E 58 14.08 22.68 8.59
C ASP E 58 13.44 21.98 7.39
N ILE E 59 12.60 20.98 7.67
CA ILE E 59 12.09 20.10 6.65
C ILE E 59 10.61 20.25 6.38
N GLU E 60 9.94 20.87 7.32
CA GLU E 60 8.54 21.25 7.25
C GLU E 60 8.26 22.04 5.97
N ALA E 61 7.16 21.74 5.28
CA ALA E 61 6.75 22.48 4.06
C ALA E 61 6.78 24.00 4.23
N SER E 62 6.17 24.49 5.30
CA SER E 62 6.09 25.92 5.52
C SER E 62 7.45 26.58 5.73
N ALA E 63 8.47 25.78 6.04
CA ALA E 63 9.82 26.31 6.23
C ALA E 63 10.62 26.30 4.96
N ARG E 64 10.18 25.52 3.98
CA ARG E 64 10.88 25.30 2.73
C ARG E 64 10.26 25.97 1.50
N PHE E 65 8.93 26.00 1.40
CA PHE E 65 8.22 26.56 0.23
C PHE E 65 7.27 27.64 0.72
N PHE E 66 7.66 28.90 0.54
CA PHE E 66 6.91 30.04 1.08
C PHE E 66 7.27 31.36 0.42
N GLU E 67 6.36 32.33 0.52
CA GLU E 67 6.51 33.69 -0.04
C GLU E 67 6.46 34.70 1.09
N ASP E 68 7.33 35.70 1.06
CA ASP E 68 7.29 36.76 2.07
C ASP E 68 7.91 38.02 1.52
N ASP E 69 8.14 39.01 2.37
CA ASP E 69 8.67 40.28 1.88
C ASP E 69 10.04 40.14 1.21
N ASP E 70 10.79 39.11 1.58
CA ASP E 70 12.09 38.84 0.96
C ASP E 70 11.99 38.04 -0.34
N GLY E 71 10.78 37.70 -0.76
CA GLY E 71 10.57 37.11 -2.07
C GLY E 71 9.95 35.73 -2.04
N LEU E 72 10.20 34.97 -3.11
CA LEU E 72 9.72 33.59 -3.22
C LEU E 72 10.85 32.59 -2.89
N HIS E 73 10.62 31.74 -1.90
CA HIS E 73 11.64 30.81 -1.40
C HIS E 73 11.34 29.36 -1.72
N ILE E 74 12.34 28.65 -2.22
CA ILE E 74 12.25 27.23 -2.42
C ILE E 74 13.51 26.59 -1.85
N HIS E 75 13.39 25.77 -0.83
CA HIS E 75 14.56 25.04 -0.32
C HIS E 75 14.44 23.62 -0.83
N SER E 76 15.47 23.16 -1.54
CA SER E 76 15.41 21.85 -2.14
C SER E 76 16.66 21.03 -1.86
N PHE E 77 16.50 19.74 -1.56
CA PHE E 77 17.65 18.83 -1.42
C PHE E 77 18.32 18.63 -2.76
N PHE E 78 19.65 18.61 -2.74
CA PHE E 78 20.48 18.31 -3.90
C PHE E 78 21.43 17.18 -3.51
N PHE E 79 21.66 16.27 -4.44
CA PHE E 79 22.37 15.04 -4.15
C PHE E 79 23.89 15.24 -4.31
N PHE E 80 24.69 14.59 -3.48
CA PHE E 80 26.14 14.66 -3.66
C PHE E 80 26.84 13.49 -2.96
N GLU E 81 28.13 13.37 -3.22
CA GLU E 81 28.97 12.35 -2.60
C GLU E 81 30.09 13.02 -1.85
N ASP E 82 30.23 12.72 -0.56
CA ASP E 82 31.24 13.36 0.26
C ASP E 82 32.62 12.81 -0.06
N ALA E 83 33.64 13.29 0.67
CA ALA E 83 35.03 12.93 0.37
C ALA E 83 35.31 11.43 0.37
N GLU E 84 34.57 10.66 1.19
CA GLU E 84 34.77 9.21 1.28
C GLU E 84 33.74 8.40 0.49
N ASP E 85 33.21 8.98 -0.58
CA ASP E 85 32.28 8.30 -1.50
C ASP E 85 30.97 7.86 -0.83
N HIS E 86 30.47 8.70 0.09
CA HIS E 86 29.23 8.41 0.74
C HIS E 86 28.10 9.40 0.36
N ALA E 87 26.95 8.90 -0.03
CA ALA E 87 25.88 9.76 -0.53
C ALA E 87 25.31 10.70 0.51
N GLY E 88 24.84 11.84 0.06
CA GLY E 88 24.15 12.78 0.92
C GLY E 88 23.23 13.71 0.14
N ASN E 89 22.39 14.41 0.89
CA ASN E 89 21.54 15.44 0.35
C ASN E 89 21.84 16.76 1.02
N SER E 90 22.21 17.78 0.26
CA SER E 90 22.47 19.10 0.81
C SER E 90 21.37 20.05 0.42
N THR E 91 20.80 20.76 1.39
CA THR E 91 19.72 21.70 1.09
C THR E 91 20.26 22.99 0.49
N VAL E 92 19.56 23.47 -0.52
CA VAL E 92 19.94 24.68 -1.24
C VAL E 92 18.76 25.60 -1.16
N ALA E 93 19.00 26.84 -0.79
CA ALA E 93 17.90 27.79 -0.68
C ALA E 93 17.85 28.64 -1.92
N PHE E 94 16.77 28.51 -2.68
CA PHE E 94 16.51 29.35 -3.84
C PHE E 94 15.60 30.49 -3.47
N THR E 95 15.96 31.70 -3.86
CA THR E 95 15.08 32.84 -3.64
C THR E 95 14.97 33.64 -4.90
N ILE E 96 13.74 34.01 -5.26
CA ILE E 96 13.52 34.88 -6.39
C ILE E 96 12.84 36.14 -5.92
N ARG E 97 13.43 37.28 -6.31
CA ARG E 97 12.91 38.59 -5.97
C ARG E 97 13.36 39.61 -7.00
N ASP E 98 12.40 40.39 -7.50
CA ASP E 98 12.67 41.44 -8.49
C ASP E 98 13.44 40.88 -9.67
N GLY E 99 12.98 39.76 -10.21
CA GLY E 99 13.59 39.16 -11.38
C GLY E 99 15.01 38.62 -11.20
N ARG E 100 15.49 38.55 -9.96
CA ARG E 100 16.81 37.97 -9.67
C ARG E 100 16.69 36.67 -8.87
N LEU E 101 17.56 35.71 -9.18
CA LEU E 101 17.65 34.46 -8.44
C LEU E 101 18.82 34.47 -7.46
N PHE E 102 18.58 34.09 -6.21
CA PHE E 102 19.66 33.90 -5.23
C PHE E 102 19.74 32.43 -4.85
N THR E 103 20.92 31.84 -4.95
CA THR E 103 21.12 30.47 -4.46
C THR E 103 22.11 30.49 -3.34
N LEU E 104 21.73 29.87 -2.24
CA LEU E 104 22.59 29.80 -1.10
C LEU E 104 22.81 28.33 -0.77
N ARG E 105 24.08 27.90 -0.70
CA ARG E 105 24.39 26.51 -0.41
C ARG E 105 25.61 26.32 0.48
N GLU E 106 25.65 25.18 1.18
CA GLU E 106 26.75 24.83 2.11
C GLU E 106 27.99 24.30 1.41
N ARG E 107 27.90 23.94 0.14
CA ARG E 107 29.00 23.22 -0.50
C ARG E 107 28.88 23.22 -2.00
N GLU E 108 29.98 22.83 -2.65
CA GLU E 108 29.95 22.58 -4.09
C GLU E 108 29.03 21.41 -4.38
N LEU E 109 28.41 21.44 -5.55
CA LEU E 109 27.43 20.44 -5.90
C LEU E 109 27.54 20.10 -7.37
N PRO E 110 27.34 18.83 -7.73
CA PRO E 110 27.62 18.47 -9.09
C PRO E 110 26.62 19.07 -10.10
N ALA E 111 25.37 19.24 -9.70
CA ALA E 111 24.39 19.88 -10.61
C ALA E 111 24.78 21.30 -10.93
N PHE E 112 25.22 22.03 -9.93
CA PHE E 112 25.64 23.41 -10.16
C PHE E 112 26.90 23.52 -11.00
N ARG E 113 27.89 22.70 -10.70
CA ARG E 113 29.13 22.66 -11.44
C ARG E 113 28.83 22.32 -12.90
N LEU E 114 27.92 21.37 -13.13
CA LEU E 114 27.52 21.00 -14.47
C LEU E 114 26.73 22.09 -15.16
N TYR E 115 25.73 22.65 -14.49
CA TYR E 115 24.98 23.73 -15.13
C TYR E 115 25.88 24.88 -15.57
N ARG E 116 26.84 25.24 -14.72
CA ARG E 116 27.75 26.34 -14.99
C ARG E 116 28.70 26.07 -16.13
N MET E 117 29.25 24.85 -16.22
CA MET E 117 30.04 24.47 -17.40
C MET E 117 29.24 24.75 -18.68
N ARG E 118 28.02 24.24 -18.73
CA ARG E 118 27.16 24.36 -19.91
C ARG E 118 26.75 25.77 -20.19
N ALA E 119 26.51 26.51 -19.13
CA ALA E 119 26.00 27.88 -19.23
C ALA E 119 26.97 28.76 -19.97
N ARG E 120 28.25 28.43 -19.88
CA ARG E 120 29.29 29.13 -20.61
C ARG E 120 29.10 29.15 -22.14
N SER E 121 28.41 28.17 -22.72
CA SER E 121 28.31 28.07 -24.18
C SER E 121 26.95 27.54 -24.58
N GLN E 122 25.89 28.22 -24.15
CA GLN E 122 24.53 27.75 -24.37
C GLN E 122 23.54 28.84 -24.03
N SER E 123 22.65 29.14 -24.97
CA SER E 123 21.68 30.19 -24.78
C SER E 123 20.48 29.72 -23.97
N MET E 124 19.96 30.60 -23.13
CA MET E 124 18.65 30.41 -22.53
C MET E 124 17.58 30.84 -23.54
N VAL E 125 16.33 30.55 -23.22
CA VAL E 125 15.23 30.85 -24.11
C VAL E 125 14.63 32.21 -23.75
N ASP E 126 13.84 32.27 -22.68
CA ASP E 126 13.16 33.50 -22.24
C ASP E 126 14.12 34.37 -21.43
N GLY E 127 15.09 33.74 -20.78
CA GLY E 127 16.16 34.45 -20.08
C GLY E 127 15.73 35.12 -18.79
N ASN E 128 15.35 34.34 -17.79
CA ASN E 128 14.90 34.91 -16.52
C ASN E 128 15.10 33.96 -15.34
N ALA E 129 14.99 34.53 -14.14
CA ALA E 129 15.19 33.82 -12.90
C ALA E 129 14.45 32.51 -12.80
N TYR E 130 13.22 32.48 -13.29
CA TYR E 130 12.39 31.26 -13.19
C TYR E 130 12.93 30.21 -14.14
N GLU E 131 13.30 30.59 -15.36
CA GLU E 131 13.87 29.61 -16.30
C GLU E 131 15.13 29.02 -15.69
N LEU E 132 15.88 29.88 -15.03
CA LEU E 132 17.18 29.52 -14.48
C LEU E 132 17.04 28.52 -13.37
N LEU E 133 16.10 28.77 -12.46
CA LEU E 133 15.78 27.84 -11.39
C LEU E 133 15.31 26.49 -11.93
N LEU E 134 14.44 26.51 -12.93
CA LEU E 134 14.04 25.27 -13.53
C LEU E 134 15.17 24.56 -14.25
N ASP E 135 16.12 25.31 -14.82
CA ASP E 135 17.27 24.69 -15.49
C ASP E 135 18.13 23.93 -14.48
N LEU E 136 18.31 24.50 -13.30
CA LEU E 136 19.04 23.82 -12.25
C LEU E 136 18.34 22.56 -11.83
N PHE E 137 17.01 22.58 -11.80
CA PHE E 137 16.21 21.38 -11.47
C PHE E 137 16.29 20.30 -12.55
N GLU E 138 16.15 20.71 -13.82
CA GLU E 138 16.35 19.80 -14.95
C GLU E 138 17.66 19.06 -14.81
N THR E 139 18.72 19.79 -14.47
CA THR E 139 20.06 19.22 -14.34
C THR E 139 20.14 18.25 -13.18
N LYS E 140 19.58 18.66 -12.04
CA LYS E 140 19.45 17.77 -10.90
C LYS E 140 18.79 16.45 -11.29
N ILE E 141 17.64 16.52 -11.97
CA ILE E 141 16.94 15.28 -12.34
C ILE E 141 17.78 14.41 -13.27
N GLU E 142 18.43 15.02 -14.25
CA GLU E 142 19.32 14.28 -15.13
C GLU E 142 20.36 13.45 -14.36
N GLN E 143 20.83 13.98 -13.24
CA GLN E 143 21.87 13.34 -12.45
C GLN E 143 21.30 12.29 -11.54
N LEU E 144 20.16 12.54 -10.93
CA LEU E 144 19.48 11.47 -10.21
C LEU E 144 19.15 10.27 -11.10
N ALA E 145 18.85 10.51 -12.37
CA ALA E 145 18.52 9.40 -13.27
C ALA E 145 19.75 8.58 -13.58
N ASP E 146 20.90 9.25 -13.66
CA ASP E 146 22.17 8.58 -13.81
C ASP E 146 22.48 7.71 -12.56
N GLU E 147 22.25 8.25 -11.37
CA GLU E 147 22.42 7.48 -10.14
C GLU E 147 21.64 6.21 -10.14
N ILE E 148 20.38 6.31 -10.53
CA ILE E 148 19.52 5.17 -10.52
C ILE E 148 20.05 4.19 -11.54
N GLU E 149 20.35 4.68 -12.73
CA GLU E 149 20.90 3.81 -13.78
C GLU E 149 22.08 3.02 -13.22
N ASN E 150 22.87 3.64 -12.36
CA ASN E 150 24.03 2.94 -11.79
C ASN E 150 23.75 1.96 -10.69
N ILE E 151 22.76 2.26 -9.87
CA ILE E 151 22.33 1.32 -8.92
C ILE E 151 21.89 0.06 -9.66
N TYR E 152 21.22 0.21 -10.79
CA TYR E 152 20.81 -0.98 -11.51
C TYR E 152 21.99 -1.87 -11.87
N SER E 153 23.02 -1.32 -12.51
CA SER E 153 24.11 -2.16 -13.01
C SER E 153 24.93 -2.74 -11.88
N ASP E 154 25.03 -2.01 -10.76
CA ASP E 154 25.76 -2.50 -9.58
C ASP E 154 25.03 -3.62 -8.88
N LEU E 155 23.73 -3.49 -8.84
CA LEU E 155 22.87 -4.50 -8.27
C LEU E 155 22.87 -5.74 -9.12
N GLU E 156 23.00 -5.56 -10.42
CA GLU E 156 23.08 -6.68 -11.34
C GLU E 156 24.30 -7.51 -11.02
N GLN E 157 25.45 -6.86 -10.86
CA GLN E 157 26.69 -7.55 -10.56
C GLN E 157 26.60 -8.22 -9.21
N LEU E 158 26.13 -7.48 -8.23
CA LEU E 158 26.06 -7.95 -6.89
C LEU E 158 25.10 -9.13 -6.77
N SER E 159 24.04 -9.11 -7.57
CA SER E 159 23.14 -10.26 -7.62
C SER E 159 23.90 -11.55 -7.94
N ARG E 160 24.87 -11.49 -8.84
CA ARG E 160 25.61 -12.69 -9.24
C ARG E 160 26.61 -13.15 -8.19
N VAL E 161 27.26 -12.22 -7.53
CA VAL E 161 28.12 -12.54 -6.39
C VAL E 161 27.34 -13.32 -5.32
N ILE E 162 26.10 -12.90 -5.07
CA ILE E 162 25.27 -13.52 -4.04
C ILE E 162 24.80 -14.94 -4.42
N MET E 163 24.62 -15.24 -5.70
CA MET E 163 24.24 -16.60 -6.11
C MET E 163 25.42 -17.53 -6.18
N GLU E 164 26.58 -17.00 -6.54
CA GLU E 164 27.75 -17.80 -6.92
C GLU E 164 28.91 -17.88 -5.89
N GLY E 165 29.07 -16.87 -5.03
CA GLY E 165 30.05 -16.91 -3.90
C GLY E 165 29.56 -17.68 -2.67
N HIS E 166 30.50 -18.29 -1.93
CA HIS E 166 30.18 -18.90 -0.60
C HIS E 166 31.14 -18.52 0.54
N GLN E 167 32.37 -18.11 0.22
CA GLN E 167 33.34 -17.65 1.23
C GLN E 167 32.75 -16.52 2.09
N GLY E 168 33.26 -16.38 3.30
CA GLY E 168 32.83 -15.32 4.22
C GLY E 168 33.35 -13.96 3.77
N ASP E 169 34.54 -13.95 3.16
CA ASP E 169 35.17 -12.71 2.65
C ASP E 169 34.30 -12.02 1.61
N GLU E 170 33.90 -12.77 0.60
CA GLU E 170 32.99 -12.27 -0.44
C GLU E 170 31.59 -11.83 0.08
N TYR E 171 31.20 -12.31 1.27
CA TYR E 171 29.86 -12.06 1.81
C TYR E 171 29.74 -10.92 2.79
N ASP E 172 30.74 -10.70 3.64
CA ASP E 172 30.83 -9.41 4.34
C ASP E 172 30.75 -8.27 3.35
N GLU E 173 31.51 -8.39 2.26
CA GLU E 173 31.62 -7.38 1.22
C GLU E 173 30.30 -7.20 0.48
N ALA E 174 29.53 -8.27 0.35
CA ALA E 174 28.29 -8.22 -0.39
C ALA E 174 27.21 -7.46 0.38
N LEU E 175 27.05 -7.75 1.68
CA LEU E 175 26.09 -7.02 2.50
C LEU E 175 26.43 -5.55 2.60
N SER E 176 27.71 -5.23 2.74
CA SER E 176 28.12 -3.83 2.72
C SER E 176 27.75 -3.13 1.45
N THR E 177 27.97 -3.79 0.32
CA THR E 177 27.60 -3.20 -0.96
C THR E 177 26.09 -3.00 -1.02
N LEU E 178 25.33 -4.04 -0.74
CA LEU E 178 23.89 -3.90 -0.67
C LEU E 178 23.46 -2.71 0.17
N ALA E 179 24.00 -2.60 1.37
CA ALA E 179 23.67 -1.51 2.27
C ALA E 179 24.05 -0.14 1.69
N GLU E 180 25.14 -0.06 0.92
CA GLU E 180 25.54 1.18 0.28
C GLU E 180 24.53 1.54 -0.85
N LEU E 181 24.10 0.55 -1.61
CA LEU E 181 23.13 0.78 -2.67
C LEU E 181 21.74 1.16 -2.13
N GLU E 182 21.34 0.58 -1.00
CA GLU E 182 20.07 0.92 -0.41
C GLU E 182 20.15 2.38 -0.03
N ASP E 183 21.24 2.77 0.60
CA ASP E 183 21.39 4.13 1.05
C ASP E 183 21.35 5.18 -0.06
N ILE E 184 21.95 4.88 -1.21
CA ILE E 184 21.93 5.81 -2.32
C ILE E 184 20.50 5.92 -2.79
N GLY E 185 19.83 4.79 -3.01
CA GLY E 185 18.47 4.81 -3.49
C GLY E 185 17.57 5.60 -2.58
N TRP E 186 17.78 5.41 -1.29
CA TRP E 186 17.01 6.09 -0.26
C TRP E 186 17.22 7.58 -0.38
N LYS E 187 18.46 8.02 -0.48
CA LYS E 187 18.75 9.43 -0.62
C LYS E 187 18.29 9.99 -1.94
N VAL E 188 18.39 9.22 -3.01
CA VAL E 188 17.83 9.65 -4.26
C VAL E 188 16.35 9.90 -4.11
N ARG E 189 15.64 8.99 -3.47
CA ARG E 189 14.20 9.18 -3.33
C ARG E 189 13.86 10.45 -2.56
N LEU E 190 14.61 10.76 -1.50
CA LEU E 190 14.33 11.97 -0.73
C LEU E 190 14.51 13.14 -1.63
N CYS E 191 15.57 13.10 -2.41
CA CYS E 191 15.83 14.15 -3.35
C CYS E 191 14.67 14.35 -4.35
N LEU E 192 14.17 13.28 -4.96
CA LEU E 192 13.03 13.37 -5.89
C LEU E 192 11.75 13.87 -5.25
N MET E 193 11.39 13.32 -4.10
CA MET E 193 10.14 13.67 -3.45
C MET E 193 10.07 15.13 -3.11
N ASP E 194 11.23 15.70 -2.77
CA ASP E 194 11.34 17.07 -2.34
C ASP E 194 11.27 18.02 -3.51
N THR E 195 11.97 17.67 -4.59
CA THR E 195 11.87 18.41 -5.83
C THR E 195 10.44 18.41 -6.34
N GLN E 196 9.78 17.28 -6.23
CA GLN E 196 8.41 17.20 -6.63
C GLN E 196 7.52 18.17 -5.85
N ARG E 197 7.72 18.30 -4.54
CA ARG E 197 6.92 19.23 -3.74
C ARG E 197 7.21 20.62 -4.19
N ALA E 198 8.50 20.86 -4.43
CA ALA E 198 8.93 22.20 -4.81
C ALA E 198 8.27 22.65 -6.10
N LEU E 199 8.35 21.79 -7.12
CA LEU E 199 7.70 22.08 -8.39
C LEU E 199 6.18 22.20 -8.27
N ASN E 200 5.51 21.37 -7.47
CA ASN E 200 4.08 21.54 -7.29
C ASN E 200 3.79 22.88 -6.69
N PHE E 201 4.63 23.31 -5.76
CA PHE E 201 4.44 24.59 -5.11
C PHE E 201 4.53 25.72 -6.11
N LEU E 202 5.54 25.72 -6.97
CA LEU E 202 5.72 26.78 -7.99
C LEU E 202 4.61 26.86 -9.01
N VAL E 203 4.06 25.72 -9.37
CA VAL E 203 3.06 25.68 -10.40
C VAL E 203 1.85 26.43 -9.90
N ARG E 204 1.57 26.36 -8.61
CA ARG E 204 0.39 27.01 -8.05
C ARG E 204 0.62 28.47 -7.61
N LYS E 205 1.88 28.79 -7.31
CA LYS E 205 2.23 30.05 -6.63
C LYS E 205 2.80 31.11 -7.57
N ALA E 206 3.95 30.89 -8.19
CA ALA E 206 4.49 31.89 -9.12
C ALA E 206 3.61 32.06 -10.34
N ARG E 207 3.46 33.32 -10.75
CA ARG E 207 3.02 33.66 -12.11
C ARG E 207 4.16 33.25 -13.09
N LEU E 208 4.33 31.94 -13.28
CA LEU E 208 5.35 31.43 -14.17
C LEU E 208 4.98 31.79 -15.61
N PRO E 209 5.89 32.44 -16.35
CA PRO E 209 5.62 32.59 -17.81
C PRO E 209 5.35 31.23 -18.49
N GLY E 210 4.44 31.20 -19.46
CA GLY E 210 3.99 29.92 -20.05
C GLY E 210 5.08 28.96 -20.52
N GLY E 211 6.23 29.49 -20.95
CA GLY E 211 7.36 28.65 -21.39
C GLY E 211 7.96 27.88 -20.22
N GLN E 212 8.02 28.58 -19.09
CA GLN E 212 8.41 28.00 -17.82
C GLN E 212 7.41 26.95 -17.34
N LEU E 213 6.13 27.18 -17.53
CA LEU E 213 5.13 26.25 -17.02
C LEU E 213 5.28 24.90 -17.67
N GLU E 214 5.42 24.88 -18.98
CA GLU E 214 5.62 23.61 -19.66
C GLU E 214 6.91 22.92 -19.16
N GLN E 215 7.96 23.70 -18.94
CA GLN E 215 9.25 23.20 -18.47
C GLN E 215 9.12 22.51 -17.14
N ALA E 216 8.43 23.16 -16.20
CA ALA E 216 8.13 22.60 -14.91
C ALA E 216 7.33 21.31 -15.05
N ARG E 217 6.30 21.32 -15.89
CA ARG E 217 5.52 20.11 -16.09
C ARG E 217 6.36 18.96 -16.65
N GLU E 218 7.26 19.26 -17.58
CA GLU E 218 8.18 18.25 -18.11
C GLU E 218 9.02 17.63 -16.99
N ILE E 219 9.51 18.47 -16.10
CA ILE E 219 10.29 18.01 -14.95
C ILE E 219 9.42 17.15 -14.04
N LEU E 220 8.19 17.57 -13.75
CA LEU E 220 7.31 16.75 -12.93
C LEU E 220 7.05 15.40 -13.56
N ARG E 221 6.91 15.36 -14.88
CA ARG E 221 6.67 14.12 -15.62
C ARG E 221 7.86 13.19 -15.48
N ASP E 222 9.06 13.75 -15.40
CA ASP E 222 10.27 12.91 -15.24
C ASP E 222 10.36 12.32 -13.88
N ILE E 223 10.04 13.10 -12.87
CA ILE E 223 10.00 12.60 -11.51
C ILE E 223 8.96 11.49 -11.38
N GLU E 224 7.76 11.69 -11.92
CA GLU E 224 6.75 10.66 -11.88
C GLU E 224 7.31 9.38 -12.50
N SER E 225 8.22 9.49 -13.46
CA SER E 225 8.78 8.30 -14.11
C SER E 225 9.98 7.70 -13.43
N LEU E 226 10.62 8.42 -12.52
CA LEU E 226 11.80 7.89 -11.81
C LEU E 226 11.46 7.29 -10.46
N LEU E 227 10.46 7.82 -9.78
CA LEU E 227 10.04 7.27 -8.48
C LEU E 227 9.74 5.75 -8.51
N PRO E 228 8.95 5.28 -9.46
CA PRO E 228 8.74 3.86 -9.52
C PRO E 228 10.02 3.04 -9.60
N HIS E 229 11.02 3.54 -10.34
CA HIS E 229 12.31 2.86 -10.44
C HIS E 229 12.95 2.75 -9.10
N ASN E 230 12.84 3.81 -8.34
CA ASN E 230 13.34 3.79 -7.01
C ASN E 230 12.71 2.70 -6.19
N GLU E 231 11.41 2.57 -6.24
CA GLU E 231 10.72 1.59 -5.40
C GLU E 231 11.10 0.17 -5.82
N SER E 232 11.35 -0.01 -7.12
CA SER E 232 11.69 -1.25 -7.70
C SER E 232 13.02 -1.77 -7.15
N LEU E 233 13.98 -0.87 -6.99
CA LEU E 233 15.27 -1.22 -6.43
C LEU E 233 15.16 -1.66 -4.98
N PHE E 234 14.32 -1.02 -4.19
CA PHE E 234 14.18 -1.34 -2.80
C PHE E 234 13.62 -2.81 -2.67
N GLN E 235 12.68 -3.23 -3.50
CA GLN E 235 12.22 -4.62 -3.50
C GLN E 235 13.30 -5.62 -3.77
N LYS E 236 14.18 -5.30 -4.72
CA LYS E 236 15.28 -6.17 -5.12
C LYS E 236 16.31 -6.24 -4.01
N VAL E 237 16.70 -5.09 -3.50
CA VAL E 237 17.62 -5.03 -2.42
C VAL E 237 17.16 -5.79 -1.20
N ASN E 238 15.91 -5.65 -0.82
CA ASN E 238 15.37 -6.42 0.31
C ASN E 238 15.34 -7.92 0.07
N PHE E 239 15.04 -8.30 -1.17
CA PHE E 239 15.02 -9.70 -1.50
C PHE E 239 16.42 -10.30 -1.46
N LEU E 240 17.40 -9.57 -2.00
CA LEU E 240 18.77 -10.03 -1.97
C LEU E 240 19.28 -10.21 -0.54
N MET E 241 18.92 -9.28 0.33
CA MET E 241 19.28 -9.35 1.73
C MET E 241 18.74 -10.68 2.26
N GLN E 242 17.47 -10.96 2.03
CA GLN E 242 16.88 -12.21 2.48
C GLN E 242 17.58 -13.44 1.92
N ALA E 243 17.95 -13.42 0.65
CA ALA E 243 18.61 -14.57 0.03
C ALA E 243 19.98 -14.88 0.65
N ALA E 244 20.77 -13.83 0.83
CA ALA E 244 22.06 -13.93 1.46
C ALA E 244 21.95 -14.59 2.82
N MET E 245 21.02 -14.13 3.65
CA MET E 245 20.84 -14.75 4.94
C MET E 245 20.51 -16.21 4.77
N GLY E 246 19.74 -16.51 3.74
CA GLY E 246 19.47 -17.91 3.43
C GLY E 246 20.74 -18.70 3.16
N PHE E 247 21.64 -18.12 2.37
CA PHE E 247 22.85 -18.82 2.01
C PHE E 247 23.80 -19.00 3.18
N ILE E 248 23.89 -17.96 4.00
CA ILE E 248 24.62 -18.03 5.25
C ILE E 248 24.09 -19.10 6.20
N ASN E 249 22.77 -19.27 6.29
CA ASN E 249 22.22 -20.32 7.16
C ASN E 249 22.48 -21.70 6.59
N ILE E 250 22.46 -21.82 5.28
CA ILE E 250 22.74 -23.09 4.66
C ILE E 250 24.20 -23.44 4.91
N GLU E 251 25.09 -22.46 4.74
CA GLU E 251 26.52 -22.63 4.95
C GLU E 251 26.78 -23.06 6.38
N GLN E 252 26.16 -22.37 7.31
CA GLN E 252 26.30 -22.71 8.72
C GLN E 252 25.91 -24.17 9.02
N ASN E 253 24.84 -24.65 8.44
CA ASN E 253 24.50 -26.07 8.56
C ASN E 253 25.58 -27.00 8.01
N ARG E 254 26.24 -26.60 6.94
CA ARG E 254 27.28 -27.41 6.36
C ARG E 254 28.44 -27.51 7.35
N ILE E 255 28.88 -26.35 7.84
CA ILE E 255 29.94 -26.25 8.81
C ILE E 255 29.69 -27.13 10.01
N ILE E 256 28.52 -27.02 10.61
CA ILE E 256 28.21 -27.80 11.81
C ILE E 256 28.35 -29.30 11.55
N LYS E 257 27.93 -29.77 10.36
CA LYS E 257 28.14 -31.19 9.99
C LYS E 257 29.63 -31.59 9.83
#